data_6OMR
#
_entry.id   6OMR
#
_cell.length_a   113.620
_cell.length_b   122.420
_cell.length_c   140.063
_cell.angle_alpha   90.000
_cell.angle_beta   90.000
_cell.angle_gamma   90.000
#
_symmetry.space_group_name_H-M   'I 2 2 2'
#
loop_
_entity.id
_entity.type
_entity.pdbx_description
1 polymer PtmU3
2 non-polymer 'ACETATE ION'
3 non-polymer 'MANGANESE (II) ION'
4 non-polymer 'S-[2-({N-[(2R)-2-hydroxy-3,3-dimethyl-4-(phosphonooxy)butanoyl]-beta-alanyl}amino)ethyl] (5beta,7alpha,8alpha,10alpha,12alpha)-7-hydroxyatis-16-ene-18-thioate'
5 water water
#
_entity_poly.entity_id   1
_entity_poly.type   'polypeptide(L)'
_entity_poly.pdbx_seq_one_letter_code
;MEKLWLNSADSHVLEPDDLWERALPAALRDRAPRCVRDNGRETVYVDGQVVRRDPLDFADAMRPPGALDHHIRLKDLDDQ
GIWGEVVFPSRGLWTAVMTDPVLARECIKVYNDWLKSDFLSLSPRLVGAAMVSMLDTDDAVAELRRAADLGYQTVFLAAT
PPPGREFNMDVWEPLWAAAEEAGMTVSIHIGTGADTVVARGPGGAVINYVETLFPAQRAVAQLVASGALDRHPGLRVLIA
EAGCAWVPALADRMDEAYRQHGMFVRPKLSMLPGELVRRQVYASFQHDETAIGAVTAMNYTNVLWGSDYPHLEGTFPRTQ
EVVTELFAGVDPEVRDLITRRNFTDLFTVPALPATV
;
_entity_poly.pdbx_strand_id   A,B
#
loop_
_chem_comp.id
_chem_comp.type
_chem_comp.name
_chem_comp.formula
ACT non-polymer 'ACETATE ION' 'C2 H3 O2 -1'
MN non-polymer 'MANGANESE (II) ION' 'Mn 2'
MYM non-polymer 'S-[2-({N-[(2R)-2-hydroxy-3,3-dimethyl-4-(phosphonooxy)butanoyl]-beta-alanyl}amino)ethyl] (5beta,7alpha,8alpha,10alpha,12alpha)-7-hydroxyatis-16-ene-18-thioate' 'C31 H51 N2 O9 P S'
#
# COMPACT_ATOMS: atom_id res chain seq x y z
N MET A 1 22.93 -3.53 31.04
CA MET A 1 23.32 -3.25 29.62
C MET A 1 23.59 -4.58 28.87
N GLU A 2 22.73 -5.59 29.10
CA GLU A 2 22.89 -6.97 28.54
C GLU A 2 22.12 -7.10 27.22
N LYS A 3 22.61 -7.97 26.32
CA LYS A 3 22.01 -8.27 24.98
C LYS A 3 20.98 -9.39 25.10
N LEU A 4 20.14 -9.57 24.06
CA LEU A 4 19.11 -10.64 23.97
C LEU A 4 19.19 -11.36 22.61
N TRP A 5 19.13 -12.70 22.62
CA TRP A 5 19.13 -13.57 21.41
C TRP A 5 17.86 -13.28 20.60
N LEU A 6 18.02 -13.10 19.28
CA LEU A 6 16.98 -12.88 18.23
C LEU A 6 17.20 -13.88 17.11
N ASN A 7 16.12 -14.29 16.45
CA ASN A 7 16.21 -14.86 15.10
C ASN A 7 15.94 -13.71 14.13
N SER A 8 16.48 -13.78 12.91
CA SER A 8 16.31 -12.77 11.85
C SER A 8 15.78 -13.42 10.59
N ALA A 9 14.66 -12.93 10.03
CA ALA A 9 13.97 -13.50 8.85
C ALA A 9 14.46 -12.85 7.54
N ASP A 10 15.47 -11.98 7.57
CA ASP A 10 15.93 -11.28 6.36
C ASP A 10 17.39 -10.84 6.53
N SER A 11 18.26 -11.32 5.65
CA SER A 11 19.65 -10.82 5.39
C SER A 11 20.07 -11.27 4.00
N HIS A 12 21.18 -10.76 3.48
CA HIS A 12 21.69 -11.16 2.13
C HIS A 12 23.15 -11.60 2.19
N VAL A 13 23.54 -12.40 1.19
CA VAL A 13 24.93 -12.85 0.91
C VAL A 13 25.40 -12.30 -0.45
N LEU A 14 26.60 -11.70 -0.47
CA LEU A 14 27.30 -11.31 -1.73
C LEU A 14 27.96 -12.53 -2.35
N GLU A 15 27.47 -12.96 -3.51
CA GLU A 15 28.00 -14.14 -4.22
C GLU A 15 29.39 -13.81 -4.78
N PRO A 16 30.23 -14.83 -5.04
CA PRO A 16 31.55 -14.60 -5.65
C PRO A 16 31.37 -14.01 -7.05
N ASP A 17 32.16 -12.98 -7.36
CA ASP A 17 32.23 -12.31 -8.70
C ASP A 17 32.20 -13.37 -9.81
N ASP A 18 33.00 -14.41 -9.67
CA ASP A 18 33.25 -15.44 -10.71
C ASP A 18 32.19 -16.55 -10.68
N LEU A 19 31.16 -16.46 -9.82
CA LEU A 19 30.24 -17.58 -9.48
C LEU A 19 29.75 -18.31 -10.73
N TRP A 20 29.16 -17.58 -11.69
CA TRP A 20 28.48 -18.21 -12.85
C TRP A 20 29.48 -18.41 -14.00
N GLU A 21 30.39 -17.45 -14.20
CA GLU A 21 31.51 -17.55 -15.18
C GLU A 21 32.13 -18.94 -15.03
N ARG A 22 32.58 -19.28 -13.83
CA ARG A 22 33.34 -20.53 -13.56
C ARG A 22 32.46 -21.78 -13.76
N ALA A 23 31.12 -21.68 -13.64
CA ALA A 23 30.25 -22.89 -13.51
C ALA A 23 29.35 -23.12 -14.72
N LEU A 24 29.27 -22.19 -15.67
CA LEU A 24 28.27 -22.30 -16.78
C LEU A 24 28.96 -22.56 -18.12
N PRO A 25 28.29 -23.33 -19.02
CA PRO A 25 28.73 -23.45 -20.41
C PRO A 25 28.99 -22.09 -21.07
N ALA A 26 29.66 -22.10 -22.23
CA ALA A 26 30.10 -20.90 -22.97
C ALA A 26 28.88 -20.08 -23.43
N ALA A 27 27.78 -20.77 -23.74
CA ALA A 27 26.57 -20.25 -24.41
C ALA A 27 25.72 -19.40 -23.45
N LEU A 28 26.27 -19.05 -22.27
CA LEU A 28 25.51 -18.74 -21.02
C LEU A 28 26.37 -17.87 -20.09
N ARG A 29 27.57 -18.35 -19.74
CA ARG A 29 28.43 -17.83 -18.65
C ARG A 29 28.67 -16.31 -18.77
N ASP A 30 28.55 -15.73 -19.97
CA ASP A 30 28.84 -14.29 -20.21
C ASP A 30 27.58 -13.44 -19.97
N ARG A 31 26.42 -14.10 -19.85
CA ARG A 31 25.07 -13.46 -19.83
C ARG A 31 24.51 -13.45 -18.39
N ALA A 32 25.18 -14.15 -17.46
CA ALA A 32 24.78 -14.21 -16.03
C ALA A 32 25.09 -12.86 -15.38
N PRO A 33 24.46 -12.55 -14.23
CA PRO A 33 24.58 -11.24 -13.59
C PRO A 33 26.02 -10.81 -13.23
N ARG A 34 26.39 -9.61 -13.68
CA ARG A 34 27.69 -8.98 -13.39
C ARG A 34 27.43 -7.65 -12.70
N CYS A 35 27.80 -7.55 -11.43
CA CYS A 35 27.88 -6.27 -10.71
C CYS A 35 29.24 -5.63 -11.04
N VAL A 36 29.31 -4.31 -11.19
CA VAL A 36 30.56 -3.52 -11.36
C VAL A 36 30.43 -2.27 -10.47
N ARG A 37 31.36 -2.13 -9.54
CA ARG A 37 31.50 -0.93 -8.67
C ARG A 37 32.73 -0.21 -9.19
N ASP A 38 32.55 1.01 -9.68
CA ASP A 38 33.57 1.82 -10.38
C ASP A 38 33.09 3.27 -10.48
N ASN A 39 33.96 4.22 -10.15
CA ASN A 39 33.74 5.67 -10.36
C ASN A 39 32.46 6.14 -9.65
N GLY A 40 32.19 5.62 -8.47
CA GLY A 40 31.11 6.10 -7.60
C GLY A 40 29.76 5.63 -8.06
N ARG A 41 29.70 4.60 -8.91
CA ARG A 41 28.47 4.06 -9.52
C ARG A 41 28.47 2.53 -9.38
N GLU A 42 27.30 1.94 -9.16
CA GLU A 42 27.08 0.47 -9.19
C GLU A 42 26.30 0.17 -10.47
N THR A 43 26.83 -0.71 -11.33
CA THR A 43 26.23 -1.12 -12.63
C THR A 43 26.04 -2.65 -12.60
N VAL A 44 24.90 -3.15 -13.09
CA VAL A 44 24.61 -4.61 -13.13
C VAL A 44 24.25 -4.97 -14.58
N TYR A 45 25.00 -5.89 -15.20
CA TYR A 45 24.73 -6.44 -16.55
C TYR A 45 23.99 -7.77 -16.35
N VAL A 46 22.85 -7.95 -17.05
CA VAL A 46 22.14 -9.25 -17.19
C VAL A 46 21.85 -9.46 -18.68
N ASP A 47 22.36 -10.55 -19.27
CA ASP A 47 21.98 -11.04 -20.62
C ASP A 47 21.98 -9.90 -21.65
N GLY A 48 22.99 -9.02 -21.62
CA GLY A 48 23.19 -7.97 -22.61
C GLY A 48 22.57 -6.65 -22.19
N GLN A 49 21.92 -6.61 -21.02
CA GLN A 49 21.11 -5.45 -20.55
C GLN A 49 21.75 -4.83 -19.31
N VAL A 50 21.85 -3.50 -19.27
CA VAL A 50 22.13 -2.69 -18.05
C VAL A 50 20.82 -2.61 -17.27
N VAL A 51 20.73 -3.35 -16.16
CA VAL A 51 19.50 -3.47 -15.34
C VAL A 51 19.60 -2.53 -14.12
N ARG A 52 20.74 -1.90 -13.90
CA ARG A 52 20.90 -0.88 -12.83
C ARG A 52 22.15 -0.05 -13.09
N ARG A 53 22.13 1.18 -12.59
CA ARG A 53 23.17 2.23 -12.77
C ARG A 53 22.90 3.28 -11.67
N ASP A 54 23.29 2.93 -10.44
CA ASP A 54 22.94 3.62 -9.18
C ASP A 54 24.18 4.32 -8.63
N PRO A 55 24.05 5.57 -8.11
CA PRO A 55 25.15 6.22 -7.40
C PRO A 55 25.44 5.48 -6.09
N LEU A 56 26.70 5.54 -5.67
CA LEU A 56 27.26 5.01 -4.41
C LEU A 56 27.89 6.17 -3.65
N ASP A 57 27.55 6.35 -2.37
CA ASP A 57 28.31 7.26 -1.50
C ASP A 57 29.63 6.55 -1.13
N PHE A 58 30.71 6.90 -1.83
CA PHE A 58 32.09 6.38 -1.61
C PHE A 58 32.56 6.82 -0.22
N ALA A 59 31.67 7.43 0.59
CA ALA A 59 31.95 7.97 1.95
C ALA A 59 31.08 7.27 3.01
N ASP A 60 29.75 7.41 2.91
CA ASP A 60 28.78 7.09 3.99
C ASP A 60 27.85 5.92 3.61
N ALA A 61 28.07 5.27 2.46
CA ALA A 61 27.33 4.05 2.03
C ALA A 61 28.33 2.88 1.89
N MET A 62 29.34 2.85 2.77
CA MET A 62 30.45 1.86 2.77
C MET A 62 29.98 0.53 3.39
N ARG A 63 30.32 -0.59 2.77
CA ARG A 63 29.78 -1.94 3.12
C ARG A 63 30.49 -2.45 4.36
N PRO A 64 29.78 -3.14 5.29
CA PRO A 64 30.42 -3.78 6.44
C PRO A 64 31.42 -4.79 5.91
N PRO A 65 32.63 -4.85 6.50
CA PRO A 65 33.58 -5.92 6.20
C PRO A 65 32.86 -7.28 6.04
N GLY A 66 31.97 -7.67 6.97
CA GLY A 66 31.35 -9.01 7.06
C GLY A 66 30.56 -9.39 5.81
N ALA A 67 30.18 -8.44 4.98
CA ALA A 67 29.55 -8.70 3.67
C ALA A 67 30.59 -9.31 2.72
N LEU A 68 31.86 -8.95 2.92
CA LEU A 68 32.99 -9.23 1.97
C LEU A 68 33.80 -10.44 2.45
N ASP A 69 33.51 -10.96 3.65
CA ASP A 69 34.27 -12.03 4.34
C ASP A 69 33.28 -12.84 5.20
N HIS A 70 32.99 -14.07 4.80
CA HIS A 70 31.89 -14.88 5.41
C HIS A 70 32.20 -15.30 6.85
N HIS A 71 33.46 -15.23 7.29
CA HIS A 71 33.87 -15.55 8.70
C HIS A 71 33.69 -14.28 9.54
N ILE A 72 33.98 -13.09 9.02
CA ILE A 72 33.62 -11.82 9.73
C ILE A 72 32.08 -11.75 9.95
N ARG A 73 31.26 -12.36 9.09
CA ARG A 73 29.76 -12.35 9.17
C ARG A 73 29.27 -13.09 10.42
N LEU A 74 29.74 -14.33 10.66
CA LEU A 74 29.37 -15.15 11.85
C LEU A 74 29.80 -14.48 13.17
N LYS A 75 30.91 -13.75 13.15
CA LYS A 75 31.31 -12.88 14.28
C LYS A 75 30.22 -11.83 14.45
N ASP A 76 29.79 -11.25 13.33
CA ASP A 76 28.78 -10.17 13.29
C ASP A 76 27.47 -10.72 13.86
N LEU A 77 27.05 -11.93 13.51
CA LEU A 77 25.90 -12.56 14.19
C LEU A 77 26.11 -12.51 15.72
N ASP A 78 27.21 -13.09 16.24
CA ASP A 78 27.41 -13.27 17.70
C ASP A 78 27.37 -11.90 18.37
N ASP A 79 27.98 -10.90 17.73
CA ASP A 79 28.11 -9.52 18.27
C ASP A 79 26.71 -8.90 18.36
N GLN A 80 25.92 -9.02 17.27
CA GLN A 80 24.55 -8.46 17.13
C GLN A 80 23.53 -9.26 17.95
N GLY A 81 23.89 -10.43 18.46
CA GLY A 81 22.96 -11.20 19.30
C GLY A 81 21.97 -11.96 18.46
N ILE A 82 22.36 -12.37 17.26
CA ILE A 82 21.45 -13.07 16.31
C ILE A 82 21.84 -14.55 16.20
N TRP A 83 20.92 -15.46 16.49
CA TRP A 83 21.12 -16.91 16.48
C TRP A 83 20.82 -17.47 15.08
N GLY A 84 19.53 -17.72 14.77
CA GLY A 84 19.08 -18.10 13.41
C GLY A 84 19.05 -16.89 12.48
N GLU A 85 19.42 -17.05 11.20
CA GLU A 85 19.21 -15.97 10.20
C GLU A 85 18.92 -16.56 8.82
N VAL A 86 17.78 -16.14 8.24
CA VAL A 86 17.44 -16.45 6.84
C VAL A 86 18.40 -15.65 5.95
N VAL A 87 18.87 -16.26 4.87
CA VAL A 87 19.80 -15.58 3.93
C VAL A 87 19.25 -15.65 2.51
N PHE A 88 19.07 -14.46 1.89
CA PHE A 88 18.59 -14.26 0.50
C PHE A 88 19.78 -13.90 -0.41
N PRO A 89 19.64 -14.07 -1.75
CA PRO A 89 20.69 -13.72 -2.69
C PRO A 89 20.87 -12.21 -2.77
N SER A 90 21.96 -11.77 -3.38
CA SER A 90 22.16 -10.37 -3.82
C SER A 90 22.09 -10.36 -5.36
N ARG A 91 23.23 -10.57 -6.05
CA ARG A 91 23.32 -10.69 -7.53
C ARG A 91 22.30 -11.70 -8.04
N GLY A 92 22.10 -12.79 -7.32
CA GLY A 92 21.18 -13.88 -7.71
C GLY A 92 19.76 -13.42 -7.93
N LEU A 93 19.34 -12.30 -7.31
CA LEU A 93 17.96 -11.73 -7.41
C LEU A 93 17.69 -11.34 -8.85
N TRP A 94 18.74 -11.05 -9.62
CA TRP A 94 18.69 -10.58 -11.02
C TRP A 94 18.17 -11.65 -11.98
N THR A 95 18.16 -12.92 -11.56
CA THR A 95 17.57 -14.03 -12.35
C THR A 95 16.06 -13.83 -12.57
N ALA A 96 15.43 -12.97 -11.77
CA ALA A 96 13.97 -12.77 -11.75
C ALA A 96 13.53 -11.73 -12.80
N VAL A 97 14.46 -10.91 -13.31
CA VAL A 97 14.21 -9.98 -14.45
C VAL A 97 14.62 -10.62 -15.77
N MET A 98 15.18 -11.85 -15.77
CA MET A 98 15.67 -12.55 -16.99
C MET A 98 14.49 -12.90 -17.89
N THR A 99 14.70 -12.85 -19.21
CA THR A 99 13.66 -13.19 -20.23
C THR A 99 13.88 -14.60 -20.78
N ASP A 100 15.09 -15.18 -20.61
CA ASP A 100 15.47 -16.50 -21.15
C ASP A 100 15.27 -17.60 -20.09
N PRO A 101 14.31 -18.53 -20.28
CA PRO A 101 14.04 -19.57 -19.31
C PRO A 101 15.25 -20.47 -19.02
N VAL A 102 16.16 -20.64 -19.99
CA VAL A 102 17.36 -21.53 -19.88
C VAL A 102 18.44 -20.84 -19.02
N LEU A 103 18.80 -19.60 -19.32
CA LEU A 103 19.75 -18.79 -18.50
C LEU A 103 19.30 -18.76 -17.03
N ALA A 104 18.00 -18.60 -16.78
CA ALA A 104 17.39 -18.47 -15.43
C ALA A 104 17.49 -19.81 -14.70
N ARG A 105 17.00 -20.87 -15.33
CA ARG A 105 16.98 -22.23 -14.74
C ARG A 105 18.40 -22.63 -14.33
N GLU A 106 19.38 -22.44 -15.21
CA GLU A 106 20.78 -22.91 -15.01
C GLU A 106 21.50 -22.00 -14.02
N CYS A 107 21.29 -20.68 -14.02
CA CYS A 107 21.89 -19.77 -13.02
C CYS A 107 21.33 -20.12 -11.64
N ILE A 108 20.06 -20.50 -11.56
CA ILE A 108 19.41 -20.79 -10.26
C ILE A 108 20.11 -22.01 -9.64
N LYS A 109 20.35 -23.04 -10.46
CA LYS A 109 21.07 -24.28 -10.07
C LYS A 109 22.45 -23.90 -9.54
N VAL A 110 23.25 -23.20 -10.34
CA VAL A 110 24.62 -22.79 -9.92
C VAL A 110 24.51 -22.15 -8.53
N TYR A 111 23.50 -21.29 -8.31
CA TYR A 111 23.37 -20.50 -7.06
C TYR A 111 23.01 -21.45 -5.92
N ASN A 112 22.02 -22.34 -6.11
CA ASN A 112 21.51 -23.23 -5.05
C ASN A 112 22.61 -24.25 -4.68
N ASP A 113 23.44 -24.65 -5.64
CA ASP A 113 24.55 -25.58 -5.39
C ASP A 113 25.60 -24.82 -4.57
N TRP A 114 26.03 -23.67 -5.06
CA TRP A 114 27.09 -22.89 -4.39
C TRP A 114 26.70 -22.60 -2.93
N LEU A 115 25.53 -22.00 -2.71
CA LEU A 115 25.10 -21.50 -1.37
C LEU A 115 25.10 -22.64 -0.34
N LYS A 116 24.68 -23.84 -0.72
CA LYS A 116 24.73 -25.01 0.18
C LYS A 116 26.19 -25.44 0.39
N SER A 117 26.91 -25.74 -0.70
CA SER A 117 28.32 -26.20 -0.67
C SER A 117 29.15 -25.29 0.23
N ASP A 118 29.13 -23.99 -0.03
CA ASP A 118 30.23 -23.09 0.37
C ASP A 118 29.80 -22.01 1.35
N PHE A 119 28.50 -21.84 1.66
CA PHE A 119 28.09 -20.75 2.59
C PHE A 119 27.35 -21.35 3.79
N LEU A 120 26.31 -22.14 3.57
CA LEU A 120 25.40 -22.69 4.61
C LEU A 120 26.11 -23.80 5.40
N SER A 121 27.11 -24.43 4.77
CA SER A 121 28.14 -25.31 5.39
C SER A 121 28.84 -24.63 6.57
N LEU A 122 29.00 -23.30 6.56
CA LEU A 122 29.74 -22.55 7.61
C LEU A 122 29.02 -22.65 8.96
N SER A 123 27.69 -22.69 8.98
CA SER A 123 26.88 -22.73 10.23
C SER A 123 25.43 -23.08 9.91
N PRO A 124 24.80 -23.99 10.67
CA PRO A 124 23.40 -24.30 10.45
C PRO A 124 22.48 -23.27 11.14
N ARG A 125 23.06 -22.21 11.70
CA ARG A 125 22.33 -20.97 12.08
C ARG A 125 21.83 -20.24 10.82
N LEU A 126 22.41 -20.54 9.66
CA LEU A 126 21.99 -19.99 8.35
C LEU A 126 20.91 -20.88 7.71
N VAL A 127 19.78 -20.25 7.36
CA VAL A 127 18.64 -20.84 6.60
C VAL A 127 18.62 -20.20 5.22
N GLY A 128 18.99 -20.96 4.20
CA GLY A 128 19.17 -20.43 2.83
C GLY A 128 17.84 -20.41 2.13
N ALA A 129 17.58 -19.36 1.36
CA ALA A 129 16.44 -19.32 0.41
C ALA A 129 16.95 -19.80 -0.94
N ALA A 130 16.41 -20.91 -1.43
CA ALA A 130 16.70 -21.45 -2.77
C ALA A 130 15.88 -20.65 -3.81
N MET A 131 16.52 -20.20 -4.88
CA MET A 131 15.79 -19.60 -6.02
C MET A 131 15.09 -20.74 -6.78
N VAL A 132 13.97 -20.43 -7.42
CA VAL A 132 13.28 -21.29 -8.42
C VAL A 132 12.84 -20.36 -9.55
N SER A 133 12.72 -20.88 -10.77
CA SER A 133 12.48 -20.05 -11.99
C SER A 133 11.16 -19.29 -11.85
N MET A 134 11.21 -17.97 -12.09
CA MET A 134 10.00 -17.14 -12.18
C MET A 134 9.32 -17.35 -13.55
N LEU A 135 10.01 -17.96 -14.53
CA LEU A 135 9.63 -17.95 -15.97
C LEU A 135 8.87 -19.22 -16.38
N ASP A 136 9.24 -20.40 -15.88
CA ASP A 136 8.64 -21.71 -16.28
C ASP A 136 8.25 -22.51 -15.03
N THR A 137 7.00 -22.99 -14.97
CA THR A 137 6.44 -23.66 -13.77
C THR A 137 7.13 -25.02 -13.59
N ASP A 138 7.23 -25.82 -14.67
CA ASP A 138 7.83 -27.19 -14.65
C ASP A 138 9.25 -27.13 -14.06
N ASP A 139 10.04 -26.12 -14.47
CA ASP A 139 11.43 -25.83 -14.03
C ASP A 139 11.49 -25.31 -12.58
N ALA A 140 10.45 -24.59 -12.15
CA ALA A 140 10.32 -24.06 -10.77
C ALA A 140 10.01 -25.24 -9.83
N VAL A 141 9.13 -26.14 -10.27
CA VAL A 141 8.75 -27.34 -9.46
C VAL A 141 9.98 -28.26 -9.38
N ALA A 142 10.59 -28.58 -10.52
CA ALA A 142 11.80 -29.43 -10.57
C ALA A 142 12.76 -28.98 -9.46
N GLU A 143 13.20 -27.72 -9.53
CA GLU A 143 14.27 -27.16 -8.66
C GLU A 143 13.79 -27.08 -7.20
N LEU A 144 12.51 -26.80 -6.94
CA LEU A 144 11.99 -26.80 -5.54
C LEU A 144 12.24 -28.19 -4.94
N ARG A 145 11.73 -29.23 -5.60
CA ARG A 145 11.87 -30.65 -5.19
C ARG A 145 13.35 -30.98 -4.99
N ARG A 146 14.21 -30.57 -5.92
CA ARG A 146 15.68 -30.81 -5.82
C ARG A 146 16.23 -30.10 -4.59
N ALA A 147 15.82 -28.85 -4.38
CA ALA A 147 16.28 -28.02 -3.24
C ALA A 147 15.80 -28.65 -1.93
N ALA A 148 14.64 -29.33 -1.93
CA ALA A 148 14.04 -29.98 -0.74
C ALA A 148 14.86 -31.21 -0.35
N ASP A 149 15.17 -32.07 -1.32
CA ASP A 149 16.08 -33.24 -1.17
C ASP A 149 17.42 -32.76 -0.62
N LEU A 150 17.90 -31.58 -1.06
CA LEU A 150 19.14 -30.91 -0.57
C LEU A 150 18.96 -30.34 0.86
N GLY A 151 17.73 -30.18 1.35
CA GLY A 151 17.43 -29.75 2.74
C GLY A 151 17.04 -28.28 2.86
N TYR A 152 16.93 -27.55 1.76
CA TYR A 152 16.42 -26.14 1.75
C TYR A 152 15.04 -26.11 2.42
N GLN A 153 14.79 -25.06 3.22
CA GLN A 153 13.54 -24.86 3.98
C GLN A 153 12.61 -23.82 3.31
N THR A 154 13.11 -22.97 2.41
CA THR A 154 12.27 -21.90 1.82
C THR A 154 12.78 -21.63 0.40
N VAL A 155 11.87 -21.25 -0.50
CA VAL A 155 12.22 -20.84 -1.89
C VAL A 155 11.97 -19.35 -1.98
N PHE A 156 12.88 -18.64 -2.65
CA PHE A 156 12.73 -17.20 -2.95
C PHE A 156 11.89 -17.04 -4.23
N LEU A 157 10.88 -16.17 -4.17
CA LEU A 157 10.18 -15.61 -5.37
C LEU A 157 10.29 -14.09 -5.38
N ALA A 158 10.41 -13.50 -6.57
CA ALA A 158 10.40 -12.04 -6.73
C ALA A 158 8.99 -11.47 -6.52
N ALA A 159 8.93 -10.23 -6.04
CA ALA A 159 7.69 -9.54 -5.65
C ALA A 159 6.88 -9.31 -6.92
N THR A 160 7.53 -8.79 -7.96
CA THR A 160 6.98 -8.55 -9.31
C THR A 160 7.32 -9.73 -10.22
N PRO A 161 6.36 -10.63 -10.52
CA PRO A 161 6.62 -11.72 -11.46
C PRO A 161 6.60 -11.23 -12.92
N PRO A 162 7.14 -12.04 -13.86
CA PRO A 162 7.13 -11.68 -15.27
C PRO A 162 5.73 -11.41 -15.82
N PRO A 163 5.60 -10.55 -16.84
CA PRO A 163 4.31 -10.24 -17.46
C PRO A 163 3.51 -11.48 -17.88
N GLY A 164 2.29 -11.62 -17.39
CA GLY A 164 1.43 -12.78 -17.70
C GLY A 164 1.56 -13.89 -16.67
N ARG A 165 2.49 -13.75 -15.72
CA ARG A 165 2.74 -14.75 -14.64
C ARG A 165 2.39 -14.11 -13.28
N GLU A 166 1.38 -13.24 -13.25
CA GLU A 166 0.85 -12.67 -11.99
C GLU A 166 0.47 -13.84 -11.06
N PHE A 167 0.48 -13.64 -9.75
CA PHE A 167 0.35 -14.74 -8.77
C PHE A 167 -1.09 -15.26 -8.69
N ASN A 168 -2.07 -14.57 -9.29
CA ASN A 168 -3.48 -15.05 -9.33
C ASN A 168 -3.66 -16.11 -10.42
N MET A 169 -2.65 -16.33 -11.26
CA MET A 169 -2.78 -17.20 -12.47
C MET A 169 -2.60 -18.67 -12.09
N ASP A 170 -3.34 -19.55 -12.78
CA ASP A 170 -3.29 -21.04 -12.69
C ASP A 170 -1.86 -21.57 -12.92
N VAL A 171 -0.98 -20.84 -13.61
CA VAL A 171 0.40 -21.35 -13.94
C VAL A 171 1.18 -21.67 -12.66
N TRP A 172 0.80 -21.14 -11.50
CA TRP A 172 1.57 -21.30 -10.23
C TRP A 172 1.06 -22.52 -9.44
N GLU A 173 -0.10 -23.06 -9.77
CA GLU A 173 -0.79 -24.07 -8.92
C GLU A 173 0.13 -25.25 -8.67
N PRO A 174 0.76 -25.85 -9.72
CA PRO A 174 1.74 -26.90 -9.51
C PRO A 174 2.83 -26.55 -8.48
N LEU A 175 3.28 -25.28 -8.46
CA LEU A 175 4.37 -24.80 -7.56
C LEU A 175 3.83 -24.68 -6.13
N TRP A 176 2.59 -24.20 -5.96
CA TRP A 176 1.92 -24.14 -4.63
C TRP A 176 1.79 -25.55 -4.08
N ALA A 177 1.20 -26.45 -4.86
CA ALA A 177 0.99 -27.87 -4.49
C ALA A 177 2.32 -28.42 -4.00
N ALA A 178 3.40 -28.22 -4.78
CA ALA A 178 4.74 -28.79 -4.50
C ALA A 178 5.34 -28.16 -3.25
N ALA A 179 5.10 -26.87 -3.04
CA ALA A 179 5.60 -26.13 -1.87
C ALA A 179 4.90 -26.69 -0.63
N GLU A 180 3.59 -26.96 -0.71
CA GLU A 180 2.82 -27.54 0.41
C GLU A 180 3.37 -28.94 0.72
N GLU A 181 3.44 -29.81 -0.29
CA GLU A 181 3.94 -31.20 -0.18
C GLU A 181 5.28 -31.18 0.56
N ALA A 182 6.23 -30.38 0.06
CA ALA A 182 7.64 -30.31 0.52
C ALA A 182 7.74 -29.74 1.95
N GLY A 183 6.67 -29.11 2.44
CA GLY A 183 6.64 -28.39 3.74
C GLY A 183 7.47 -27.13 3.69
N MET A 184 7.65 -26.59 2.48
CA MET A 184 8.57 -25.46 2.13
C MET A 184 7.82 -24.15 2.23
N THR A 185 8.37 -23.18 2.97
CA THR A 185 7.87 -21.78 3.03
C THR A 185 8.25 -21.05 1.75
N VAL A 186 7.33 -20.25 1.22
CA VAL A 186 7.53 -19.36 0.05
C VAL A 186 7.89 -17.97 0.56
N SER A 187 9.10 -17.49 0.29
CA SER A 187 9.58 -16.15 0.73
C SER A 187 9.60 -15.20 -0.45
N ILE A 188 8.68 -14.22 -0.47
CA ILE A 188 8.66 -13.14 -1.48
C ILE A 188 9.40 -11.95 -0.88
N HIS A 189 10.56 -11.60 -1.43
CA HIS A 189 11.36 -10.45 -0.97
C HIS A 189 11.08 -9.27 -1.91
N ILE A 190 11.02 -8.06 -1.38
CA ILE A 190 10.58 -6.89 -2.16
C ILE A 190 11.77 -6.35 -2.95
N GLY A 191 11.50 -5.41 -3.87
CA GLY A 191 12.54 -4.71 -4.64
C GLY A 191 13.21 -5.64 -5.63
N THR A 192 12.50 -6.71 -5.99
CA THR A 192 12.89 -7.79 -6.93
C THR A 192 11.86 -7.95 -8.06
N GLY A 193 12.32 -8.49 -9.21
CA GLY A 193 11.53 -8.58 -10.44
C GLY A 193 11.64 -7.29 -11.23
N ALA A 194 11.13 -7.28 -12.47
CA ALA A 194 11.22 -6.10 -13.37
C ALA A 194 10.85 -4.85 -12.56
N ASP A 195 11.73 -3.84 -12.56
CA ASP A 195 11.53 -2.51 -11.92
C ASP A 195 10.16 -1.95 -12.35
N THR A 196 9.18 -1.85 -11.43
CA THR A 196 7.78 -1.38 -11.72
C THR A 196 7.80 0.14 -11.99
N VAL A 197 7.88 0.97 -10.95
CA VAL A 197 7.78 2.48 -11.03
C VAL A 197 8.98 3.12 -10.32
N VAL A 198 9.78 3.88 -11.07
CA VAL A 198 10.87 4.76 -10.55
C VAL A 198 10.33 6.20 -10.55
N ALA A 199 10.32 6.86 -9.38
CA ALA A 199 10.06 8.30 -9.21
C ALA A 199 11.36 9.07 -9.45
N ARG A 200 11.28 10.27 -10.00
CA ARG A 200 12.49 11.03 -10.44
C ARG A 200 12.53 12.44 -9.82
N GLY A 201 11.41 12.99 -9.36
CA GLY A 201 11.33 14.37 -8.84
C GLY A 201 11.80 14.51 -7.39
N PRO A 202 11.53 15.67 -6.75
CA PRO A 202 11.76 15.86 -5.32
C PRO A 202 11.17 14.72 -4.47
N GLY A 203 11.95 14.23 -3.50
CA GLY A 203 11.53 13.17 -2.56
C GLY A 203 11.72 11.79 -3.14
N GLY A 204 12.48 11.70 -4.25
CA GLY A 204 12.66 10.45 -5.01
C GLY A 204 13.10 9.29 -4.12
N ALA A 205 14.06 9.53 -3.23
CA ALA A 205 14.62 8.46 -2.38
C ALA A 205 13.48 7.87 -1.55
N VAL A 206 12.71 8.75 -0.91
CA VAL A 206 11.60 8.31 0.01
C VAL A 206 10.47 7.71 -0.82
N ILE A 207 10.14 8.29 -1.97
CA ILE A 207 9.02 7.79 -2.83
C ILE A 207 9.39 6.39 -3.30
N ASN A 208 10.59 6.22 -3.85
CA ASN A 208 11.08 4.92 -4.40
C ASN A 208 11.08 3.84 -3.31
N TYR A 209 11.40 4.17 -2.06
CA TYR A 209 11.33 3.19 -0.94
C TYR A 209 9.86 2.82 -0.67
N VAL A 210 8.92 3.75 -0.89
CA VAL A 210 7.46 3.43 -0.71
C VAL A 210 6.95 2.60 -1.91
N GLU A 211 7.34 2.97 -3.13
CA GLU A 211 6.97 2.29 -4.40
C GLU A 211 7.15 0.77 -4.28
N THR A 212 8.24 0.30 -3.66
CA THR A 212 8.59 -1.14 -3.62
C THR A 212 7.57 -1.92 -2.77
N LEU A 213 6.80 -1.27 -1.90
CA LEU A 213 5.68 -1.93 -1.18
C LEU A 213 4.64 -2.46 -2.15
N PHE A 214 4.33 -1.78 -3.24
CA PHE A 214 3.07 -2.05 -3.99
C PHE A 214 3.14 -3.46 -4.57
N PRO A 215 4.26 -3.89 -5.18
CA PRO A 215 4.35 -5.27 -5.65
C PRO A 215 4.08 -6.30 -4.53
N ALA A 216 4.39 -5.97 -3.28
CA ALA A 216 4.21 -6.91 -2.15
C ALA A 216 2.73 -6.97 -1.78
N GLN A 217 2.09 -5.81 -1.62
CA GLN A 217 0.66 -5.71 -1.29
C GLN A 217 -0.10 -6.44 -2.40
N ARG A 218 0.28 -6.18 -3.66
CA ARG A 218 -0.34 -6.80 -4.86
C ARG A 218 -0.19 -8.32 -4.76
N ALA A 219 1.00 -8.81 -4.38
CA ALA A 219 1.32 -10.26 -4.32
C ALA A 219 0.42 -10.94 -3.30
N VAL A 220 0.31 -10.38 -2.10
CA VAL A 220 -0.58 -10.93 -1.04
C VAL A 220 -2.03 -10.96 -1.57
N ALA A 221 -2.50 -9.85 -2.14
CA ALA A 221 -3.87 -9.72 -2.70
C ALA A 221 -4.09 -10.81 -3.78
N GLN A 222 -3.11 -11.05 -4.65
CA GLN A 222 -3.19 -12.08 -5.71
C GLN A 222 -3.32 -13.48 -5.07
N LEU A 223 -2.53 -13.77 -4.04
CA LEU A 223 -2.48 -15.11 -3.39
C LEU A 223 -3.76 -15.36 -2.59
N VAL A 224 -4.28 -14.33 -1.93
CA VAL A 224 -5.50 -14.48 -1.08
C VAL A 224 -6.73 -14.62 -1.99
N ALA A 225 -7.02 -13.61 -2.80
CA ALA A 225 -8.23 -13.51 -3.65
C ALA A 225 -8.37 -14.67 -4.64
N SER A 226 -7.25 -15.27 -5.09
CA SER A 226 -7.22 -16.31 -6.17
C SER A 226 -7.48 -17.72 -5.62
N GLY A 227 -7.59 -17.86 -4.29
CA GLY A 227 -7.80 -19.17 -3.62
C GLY A 227 -6.51 -19.97 -3.43
N ALA A 228 -5.37 -19.47 -3.90
CA ALA A 228 -4.05 -20.15 -3.82
C ALA A 228 -3.80 -20.67 -2.39
N LEU A 229 -3.97 -19.81 -1.39
CA LEU A 229 -3.74 -20.17 0.02
C LEU A 229 -4.91 -21.03 0.52
N ASP A 230 -6.15 -20.69 0.14
CA ASP A 230 -7.37 -21.41 0.58
C ASP A 230 -7.27 -22.88 0.19
N ARG A 231 -6.80 -23.15 -1.03
CA ARG A 231 -6.66 -24.51 -1.61
C ARG A 231 -5.41 -25.22 -1.06
N HIS A 232 -4.53 -24.49 -0.37
CA HIS A 232 -3.21 -25.00 0.14
C HIS A 232 -2.99 -24.55 1.58
N PRO A 233 -3.77 -25.08 2.56
CA PRO A 233 -3.76 -24.58 3.93
C PRO A 233 -2.42 -24.73 4.68
N GLY A 234 -1.53 -25.57 4.15
CA GLY A 234 -0.18 -25.78 4.70
C GLY A 234 0.87 -24.98 3.94
N LEU A 235 0.49 -24.28 2.87
CA LEU A 235 1.41 -23.31 2.21
C LEU A 235 1.50 -22.06 3.08
N ARG A 236 2.71 -21.68 3.47
CA ARG A 236 2.97 -20.42 4.21
C ARG A 236 3.84 -19.49 3.35
N VAL A 237 3.62 -18.19 3.52
CA VAL A 237 4.27 -17.13 2.70
C VAL A 237 4.89 -16.12 3.66
N LEU A 238 6.16 -15.81 3.42
CA LEU A 238 6.86 -14.72 4.12
C LEU A 238 7.05 -13.57 3.15
N ILE A 239 6.53 -12.41 3.48
CA ILE A 239 6.84 -11.14 2.77
C ILE A 239 8.03 -10.53 3.49
N ALA A 240 9.18 -10.47 2.82
CA ALA A 240 10.47 -10.09 3.42
C ALA A 240 10.77 -8.64 3.03
N GLU A 241 10.91 -7.80 4.04
CA GLU A 241 11.51 -6.44 4.00
C GLU A 241 10.46 -5.41 3.53
N ALA A 242 9.19 -5.60 3.87
CA ALA A 242 8.11 -4.68 3.44
C ALA A 242 7.44 -4.01 4.65
N GLY A 243 7.93 -4.26 5.86
CA GLY A 243 7.21 -3.90 7.10
C GLY A 243 5.99 -4.79 7.27
N CYS A 244 5.07 -4.43 8.17
CA CYS A 244 4.07 -5.40 8.67
C CYS A 244 2.67 -4.79 8.78
N ALA A 245 2.54 -3.56 9.26
CA ALA A 245 1.24 -2.98 9.69
C ALA A 245 0.29 -2.82 8.50
N TRP A 246 0.80 -2.82 7.26
CA TRP A 246 -0.08 -2.77 6.06
C TRP A 246 -0.77 -4.11 5.86
N VAL A 247 -0.30 -5.19 6.48
CA VAL A 247 -0.87 -6.54 6.23
C VAL A 247 -2.27 -6.62 6.83
N PRO A 248 -2.53 -6.33 8.13
CA PRO A 248 -3.91 -6.26 8.62
C PRO A 248 -4.78 -5.22 7.87
N ALA A 249 -4.26 -4.02 7.61
CA ALA A 249 -4.92 -3.03 6.73
C ALA A 249 -5.43 -3.70 5.45
N LEU A 250 -4.65 -4.60 4.84
CA LEU A 250 -5.01 -5.22 3.54
C LEU A 250 -6.02 -6.35 3.76
N ALA A 251 -5.96 -7.05 4.88
CA ALA A 251 -7.00 -8.03 5.29
C ALA A 251 -8.37 -7.34 5.27
N ASP A 252 -8.49 -6.17 5.92
CA ASP A 252 -9.76 -5.42 6.08
C ASP A 252 -10.23 -5.03 4.67
N ARG A 253 -9.35 -4.34 3.94
CA ARG A 253 -9.58 -3.90 2.55
C ARG A 253 -10.14 -5.08 1.76
N MET A 254 -9.60 -6.27 1.93
CA MET A 254 -10.01 -7.44 1.10
C MET A 254 -11.36 -7.97 1.58
N ASP A 255 -11.63 -7.90 2.89
CA ASP A 255 -12.92 -8.32 3.52
C ASP A 255 -14.06 -7.36 3.09
N GLU A 256 -13.82 -6.05 3.10
CA GLU A 256 -14.79 -5.05 2.56
C GLU A 256 -15.22 -5.46 1.15
N ALA A 257 -14.26 -5.67 0.23
CA ALA A 257 -14.52 -6.11 -1.17
C ALA A 257 -15.24 -7.47 -1.20
N TYR A 258 -14.72 -8.46 -0.50
CA TYR A 258 -15.34 -9.82 -0.47
C TYR A 258 -16.82 -9.70 -0.04
N ARG A 259 -17.14 -8.88 0.97
CA ARG A 259 -18.49 -8.81 1.56
C ARG A 259 -19.37 -7.89 0.70
N GLN A 260 -18.93 -6.67 0.38
CA GLN A 260 -19.78 -5.61 -0.23
C GLN A 260 -19.85 -5.76 -1.76
N HIS A 261 -18.91 -6.49 -2.38
CA HIS A 261 -18.86 -6.71 -3.86
C HIS A 261 -18.92 -8.21 -4.14
N GLY A 262 -19.58 -8.98 -3.29
CA GLY A 262 -19.72 -10.45 -3.42
C GLY A 262 -20.14 -10.90 -4.82
N MET A 263 -20.93 -10.08 -5.52
CA MET A 263 -21.55 -10.43 -6.83
C MET A 263 -20.50 -10.45 -7.93
N PHE A 264 -19.47 -9.59 -7.81
CA PHE A 264 -18.34 -9.49 -8.76
C PHE A 264 -17.24 -10.50 -8.38
N VAL A 265 -17.30 -11.12 -7.19
CA VAL A 265 -16.14 -11.85 -6.60
C VAL A 265 -16.09 -13.28 -7.14
N ARG A 266 -15.09 -13.59 -7.98
CA ARG A 266 -14.74 -14.96 -8.44
C ARG A 266 -13.26 -15.19 -8.17
N PRO A 267 -12.80 -16.32 -7.58
CA PRO A 267 -13.69 -17.34 -7.01
C PRO A 267 -14.14 -17.00 -5.59
N LYS A 268 -14.93 -17.91 -5.02
CA LYS A 268 -15.31 -17.94 -3.58
C LYS A 268 -14.19 -18.60 -2.79
N LEU A 269 -14.05 -18.18 -1.53
CA LEU A 269 -13.06 -18.70 -0.56
C LEU A 269 -13.83 -19.40 0.57
N SER A 270 -13.24 -20.44 1.15
CA SER A 270 -13.83 -21.27 2.25
C SER A 270 -13.92 -20.41 3.51
N MET A 271 -13.09 -19.38 3.60
CA MET A 271 -13.04 -18.43 4.74
C MET A 271 -12.58 -17.07 4.21
N LEU A 272 -12.85 -16.00 4.98
CA LEU A 272 -12.63 -14.59 4.56
C LEU A 272 -11.15 -14.34 4.25
N PRO A 273 -10.86 -13.38 3.36
CA PRO A 273 -9.47 -13.06 3.03
C PRO A 273 -8.63 -12.81 4.30
N GLY A 274 -9.20 -12.09 5.27
CA GLY A 274 -8.48 -11.65 6.47
C GLY A 274 -8.06 -12.85 7.30
N GLU A 275 -8.85 -13.95 7.21
CA GLU A 275 -8.61 -15.20 7.96
C GLU A 275 -7.41 -15.90 7.32
N LEU A 276 -7.36 -15.95 6.00
CA LEU A 276 -6.26 -16.60 5.24
C LEU A 276 -4.97 -15.82 5.52
N VAL A 277 -5.08 -14.49 5.59
CA VAL A 277 -3.92 -13.61 5.88
C VAL A 277 -3.39 -13.94 7.28
N ARG A 278 -4.27 -14.01 8.28
CA ARG A 278 -3.92 -14.20 9.72
C ARG A 278 -3.38 -15.63 9.90
N ARG A 279 -3.73 -16.55 9.01
CA ARG A 279 -3.37 -17.98 9.11
C ARG A 279 -2.04 -18.28 8.40
N GLN A 280 -1.75 -17.67 7.24
CA GLN A 280 -0.70 -18.14 6.32
C GLN A 280 0.26 -17.03 5.83
N VAL A 281 0.04 -15.76 6.13
CA VAL A 281 0.89 -14.69 5.55
C VAL A 281 1.74 -14.09 6.65
N TYR A 282 3.06 -14.24 6.50
CA TYR A 282 4.07 -13.69 7.44
C TYR A 282 4.69 -12.48 6.75
N ALA A 283 5.23 -11.55 7.55
CA ALA A 283 5.87 -10.31 7.09
C ALA A 283 7.01 -9.95 8.05
N SER A 284 8.16 -9.51 7.49
CA SER A 284 9.37 -9.14 8.27
C SER A 284 9.49 -7.61 8.33
N PHE A 285 10.25 -7.11 9.29
CA PHE A 285 10.59 -5.68 9.46
C PHE A 285 11.91 -5.57 10.23
N GLN A 286 12.52 -4.39 10.16
CA GLN A 286 13.78 -4.05 10.86
C GLN A 286 13.51 -3.01 11.96
N HIS A 287 12.87 -1.88 11.66
CA HIS A 287 12.84 -0.71 12.58
C HIS A 287 11.42 -0.30 12.99
N ASP A 288 10.39 -0.92 12.41
CA ASP A 288 9.03 -0.32 12.32
C ASP A 288 8.26 -0.58 13.61
N GLU A 289 8.07 0.43 14.47
CA GLU A 289 7.26 0.31 15.71
C GLU A 289 5.89 -0.27 15.38
N THR A 290 5.26 0.16 14.25
CA THR A 290 3.86 -0.23 13.89
C THR A 290 3.74 -1.75 13.83
N ALA A 291 4.86 -2.46 13.65
CA ALA A 291 4.92 -3.94 13.59
C ALA A 291 4.42 -4.57 14.90
N ILE A 292 4.59 -3.88 16.02
CA ILE A 292 4.11 -4.35 17.35
C ILE A 292 2.62 -4.04 17.53
N GLY A 293 2.20 -2.80 17.24
CA GLY A 293 0.76 -2.44 17.17
C GLY A 293 -0.01 -3.45 16.35
N ALA A 294 0.57 -3.98 15.27
CA ALA A 294 -0.13 -4.95 14.42
C ALA A 294 -0.45 -6.20 15.26
N VAL A 295 0.52 -6.64 16.08
CA VAL A 295 0.34 -7.84 16.96
C VAL A 295 -0.63 -7.49 18.10
N THR A 296 -0.39 -6.40 18.82
CA THR A 296 -1.13 -6.15 20.10
C THR A 296 -2.57 -5.71 19.81
N ALA A 297 -2.86 -5.12 18.64
CA ALA A 297 -4.11 -4.37 18.41
C ALA A 297 -4.86 -4.80 17.15
N MET A 298 -4.28 -5.62 16.27
CA MET A 298 -4.96 -5.96 14.99
C MET A 298 -4.99 -7.47 14.80
N ASN A 299 -4.67 -8.22 15.85
CA ASN A 299 -4.76 -9.70 15.85
C ASN A 299 -3.99 -10.23 14.63
N TYR A 300 -2.85 -9.62 14.30
CA TYR A 300 -1.92 -10.13 13.26
C TYR A 300 -0.63 -10.65 13.96
N THR A 301 -0.53 -11.96 14.18
CA THR A 301 0.56 -12.61 14.97
C THR A 301 1.73 -13.05 14.07
N ASN A 302 1.63 -12.92 12.74
CA ASN A 302 2.64 -13.45 11.78
C ASN A 302 3.72 -12.40 11.46
N VAL A 303 4.04 -11.55 12.43
CA VAL A 303 5.16 -10.59 12.34
C VAL A 303 6.49 -11.26 12.78
N LEU A 304 7.55 -11.18 11.96
CA LEU A 304 8.96 -11.55 12.28
C LEU A 304 9.85 -10.31 12.21
N TRP A 305 10.89 -10.29 13.01
CA TRP A 305 11.98 -9.29 12.88
C TRP A 305 13.08 -9.86 11.97
N GLY A 306 13.82 -8.98 11.32
CA GLY A 306 14.97 -9.28 10.45
C GLY A 306 16.00 -8.18 10.58
N SER A 307 17.27 -8.51 10.33
CA SER A 307 18.39 -7.56 10.41
C SER A 307 18.49 -6.83 9.08
N ASP A 308 18.17 -7.53 7.99
CA ASP A 308 18.49 -7.12 6.60
C ASP A 308 19.97 -6.76 6.52
N TYR A 309 20.81 -7.50 7.24
CA TYR A 309 22.28 -7.49 7.04
C TYR A 309 22.57 -7.86 5.58
N PRO A 310 23.48 -7.14 4.90
CA PRO A 310 24.15 -5.96 5.43
C PRO A 310 23.68 -4.60 4.88
N HIS A 311 22.44 -4.54 4.39
CA HIS A 311 21.87 -3.35 3.70
C HIS A 311 21.76 -2.16 4.66
N LEU A 312 21.80 -0.93 4.11
CA LEU A 312 21.72 0.32 4.91
C LEU A 312 20.43 0.31 5.73
N GLU A 313 19.34 -0.18 5.12
CA GLU A 313 17.98 -0.16 5.72
C GLU A 313 17.88 -1.15 6.89
N GLY A 314 18.91 -1.99 7.07
CA GLY A 314 19.03 -2.93 8.19
C GLY A 314 19.57 -2.26 9.45
N THR A 315 19.71 -3.06 10.52
CA THR A 315 19.97 -2.58 11.92
C THR A 315 21.46 -2.55 12.26
N PHE A 316 22.32 -3.34 11.61
CA PHE A 316 23.77 -3.37 11.88
C PHE A 316 24.30 -1.95 11.93
N PRO A 317 25.20 -1.56 12.86
CA PRO A 317 25.67 -2.41 13.96
C PRO A 317 24.84 -2.34 15.26
N ARG A 318 23.69 -1.67 15.21
CA ARG A 318 22.87 -1.26 16.38
C ARG A 318 21.69 -2.23 16.58
N THR A 319 21.79 -3.48 16.14
CA THR A 319 20.68 -4.46 16.28
C THR A 319 20.08 -4.42 17.69
N GLN A 320 20.88 -4.46 18.77
CA GLN A 320 20.40 -4.65 20.17
C GLN A 320 19.74 -3.37 20.69
N GLU A 321 20.36 -2.23 20.44
CA GLU A 321 19.83 -0.87 20.77
C GLU A 321 18.47 -0.65 20.08
N VAL A 322 18.34 -1.05 18.81
CA VAL A 322 17.09 -0.89 18.01
C VAL A 322 15.99 -1.70 18.68
N VAL A 323 16.29 -2.98 18.94
CA VAL A 323 15.34 -3.98 19.51
C VAL A 323 15.01 -3.62 20.97
N THR A 324 15.93 -2.99 21.69
CA THR A 324 15.69 -2.45 23.05
C THR A 324 14.64 -1.32 22.98
N GLU A 325 14.83 -0.33 22.10
CA GLU A 325 13.88 0.80 21.89
C GLU A 325 12.50 0.24 21.52
N LEU A 326 12.42 -0.70 20.58
CA LEU A 326 11.15 -1.23 20.02
C LEU A 326 10.32 -1.85 21.16
N PHE A 327 10.96 -2.60 22.05
CA PHE A 327 10.24 -3.50 22.98
C PHE A 327 10.17 -2.93 24.40
N ALA A 328 10.79 -1.77 24.68
CA ALA A 328 10.56 -0.97 25.90
C ALA A 328 9.09 -1.01 26.29
N GLY A 329 8.78 -1.52 27.49
CA GLY A 329 7.41 -1.56 28.02
C GLY A 329 6.48 -2.31 27.09
N VAL A 330 6.91 -3.43 26.52
CA VAL A 330 6.07 -4.31 25.64
C VAL A 330 6.00 -5.67 26.33
N ASP A 331 4.84 -6.35 26.32
CA ASP A 331 4.68 -7.71 26.89
C ASP A 331 5.83 -8.54 26.33
N PRO A 332 6.68 -9.20 27.16
CA PRO A 332 7.76 -10.00 26.61
C PRO A 332 7.25 -11.27 25.89
N GLU A 333 5.99 -11.67 26.05
CA GLU A 333 5.42 -12.77 25.24
C GLU A 333 5.38 -12.31 23.78
N VAL A 334 5.16 -11.00 23.55
CA VAL A 334 5.10 -10.39 22.19
C VAL A 334 6.52 -10.24 21.64
N ARG A 335 7.44 -9.69 22.43
CA ARG A 335 8.90 -9.72 22.11
C ARG A 335 9.26 -11.13 21.63
N ASP A 336 8.84 -12.15 22.35
CA ASP A 336 9.24 -13.55 22.11
C ASP A 336 8.70 -14.04 20.75
N LEU A 337 7.40 -13.85 20.49
CA LEU A 337 6.67 -14.16 19.23
C LEU A 337 7.39 -13.53 18.03
N ILE A 338 7.66 -12.23 18.11
CA ILE A 338 8.17 -11.41 16.96
C ILE A 338 9.65 -11.73 16.72
N THR A 339 10.45 -11.82 17.79
CA THR A 339 11.93 -11.93 17.67
C THR A 339 12.39 -13.38 17.58
N ARG A 340 11.62 -14.37 18.05
CA ARG A 340 12.10 -15.80 18.09
C ARG A 340 11.08 -16.80 17.54
N ARG A 341 9.86 -16.85 18.08
CA ARG A 341 8.97 -18.04 17.94
C ARG A 341 8.40 -18.12 16.51
N ASN A 342 8.04 -17.00 15.90
CA ASN A 342 7.52 -17.00 14.50
C ASN A 342 8.62 -17.59 13.61
N PHE A 343 9.86 -17.16 13.80
CA PHE A 343 11.05 -17.71 13.10
C PHE A 343 11.10 -19.25 13.23
N THR A 344 10.98 -19.78 14.46
CA THR A 344 11.13 -21.25 14.70
C THR A 344 9.87 -21.98 14.23
N ASP A 345 8.70 -21.33 14.09
CA ASP A 345 7.55 -21.97 13.40
C ASP A 345 7.85 -22.10 11.90
N LEU A 346 8.46 -21.11 11.26
CA LEU A 346 8.74 -21.20 9.81
C LEU A 346 9.98 -22.09 9.58
N PHE A 347 11.03 -21.95 10.40
CA PHE A 347 12.39 -22.45 10.11
C PHE A 347 12.90 -23.33 11.25
N THR A 348 13.76 -24.29 10.91
CA THR A 348 14.50 -25.13 11.88
C THR A 348 15.93 -24.66 11.94
N VAL A 349 16.43 -24.38 13.13
CA VAL A 349 17.87 -24.15 13.37
C VAL A 349 18.26 -25.01 14.57
N PRO A 350 19.57 -25.12 14.89
CA PRO A 350 19.99 -25.80 16.12
C PRO A 350 19.32 -25.10 17.32
N ALA A 351 18.89 -25.86 18.33
CA ALA A 351 18.31 -25.34 19.59
C ALA A 351 19.25 -24.27 20.17
N LEU A 352 18.72 -23.11 20.53
CA LEU A 352 19.48 -22.01 21.20
C LEU A 352 19.75 -22.41 22.64
N PRO A 353 21.02 -22.57 23.07
CA PRO A 353 21.32 -22.84 24.47
C PRO A 353 20.70 -21.80 25.42
N ALA A 354 20.11 -22.27 26.52
CA ALA A 354 19.51 -21.44 27.59
C ALA A 354 20.62 -20.74 28.37
N THR A 355 20.31 -19.62 29.02
CA THR A 355 21.34 -18.71 29.59
C THR A 355 21.60 -19.10 31.05
N VAL A 356 20.65 -18.84 31.96
CA VAL A 356 20.94 -18.66 33.42
C VAL A 356 20.79 -20.00 34.14
N MET B 1 -29.61 10.14 22.60
CA MET B 1 -28.78 9.02 23.17
C MET B 1 -29.25 7.66 22.63
N GLU B 2 -30.51 7.51 22.20
CA GLU B 2 -31.07 6.21 21.70
C GLU B 2 -30.42 5.83 20.35
N LYS B 3 -29.61 6.71 19.74
CA LYS B 3 -28.71 6.46 18.57
C LYS B 3 -27.28 6.92 18.90
N LEU B 4 -26.29 6.32 18.24
CA LEU B 4 -24.89 6.85 18.13
C LEU B 4 -24.85 7.89 16.98
N TRP B 5 -24.67 9.18 17.31
CA TRP B 5 -24.68 10.28 16.31
C TRP B 5 -23.27 10.39 15.71
N LEU B 6 -23.19 10.21 14.39
CA LEU B 6 -21.94 10.12 13.60
C LEU B 6 -21.79 11.35 12.72
N ASN B 7 -20.57 11.70 12.37
CA ASN B 7 -20.22 12.60 11.24
C ASN B 7 -19.52 11.76 10.16
N SER B 8 -19.94 11.86 8.90
CA SER B 8 -19.38 11.05 7.79
C SER B 8 -18.40 11.92 6.99
N ALA B 9 -17.14 11.49 6.87
CA ALA B 9 -16.08 12.17 6.10
C ALA B 9 -16.16 11.76 4.62
N ASP B 10 -17.12 10.93 4.23
CA ASP B 10 -17.15 10.44 2.83
C ASP B 10 -18.57 10.05 2.43
N SER B 11 -19.06 10.67 1.35
CA SER B 11 -20.27 10.28 0.58
C SER B 11 -20.26 10.92 -0.82
N HIS B 12 -21.19 10.48 -1.65
CA HIS B 12 -21.32 10.92 -3.06
C HIS B 12 -22.73 11.45 -3.36
N VAL B 13 -22.82 12.44 -4.24
CA VAL B 13 -24.06 12.93 -4.89
C VAL B 13 -24.11 12.49 -6.36
N LEU B 14 -25.25 11.98 -6.83
CA LEU B 14 -25.49 11.80 -8.28
C LEU B 14 -26.00 13.13 -8.85
N GLU B 15 -25.32 13.62 -9.89
CA GLU B 15 -25.62 14.89 -10.57
C GLU B 15 -26.86 14.72 -11.44
N PRO B 16 -27.60 15.81 -11.71
CA PRO B 16 -28.70 15.77 -12.68
C PRO B 16 -28.13 15.39 -14.07
N ASP B 17 -28.74 14.40 -14.72
CA ASP B 17 -28.30 13.89 -16.06
C ASP B 17 -27.94 15.06 -16.98
N ASP B 18 -28.69 16.15 -16.89
CA ASP B 18 -28.63 17.30 -17.82
C ASP B 18 -27.77 18.45 -17.26
N LEU B 19 -27.01 18.26 -16.19
CA LEU B 19 -26.22 19.33 -15.52
C LEU B 19 -25.40 20.13 -16.53
N TRP B 20 -24.61 19.45 -17.36
CA TRP B 20 -23.66 20.09 -18.30
C TRP B 20 -24.37 20.42 -19.62
N GLU B 21 -25.27 19.55 -20.10
CA GLU B 21 -26.20 19.85 -21.24
C GLU B 21 -26.65 21.32 -21.14
N ARG B 22 -27.27 21.74 -20.03
CA ARG B 22 -27.96 23.06 -19.93
C ARG B 22 -26.97 24.21 -19.73
N ALA B 23 -25.90 24.02 -18.94
CA ALA B 23 -25.10 25.11 -18.32
C ALA B 23 -23.84 25.47 -19.13
N LEU B 24 -23.25 24.54 -19.88
CA LEU B 24 -21.99 24.79 -20.63
C LEU B 24 -22.27 25.67 -21.86
N PRO B 25 -21.27 26.41 -22.37
CA PRO B 25 -21.37 26.99 -23.71
C PRO B 25 -21.50 25.85 -24.71
N ALA B 26 -22.08 26.13 -25.87
CA ALA B 26 -22.56 25.12 -26.83
C ALA B 26 -21.38 24.38 -27.48
N ALA B 27 -20.25 25.04 -27.66
CA ALA B 27 -18.99 24.44 -28.18
C ALA B 27 -18.52 23.26 -27.32
N LEU B 28 -18.89 23.20 -26.03
CA LEU B 28 -18.38 22.17 -25.09
C LEU B 28 -19.43 21.12 -24.75
N ARG B 29 -20.72 21.41 -24.90
CA ARG B 29 -21.86 20.58 -24.39
C ARG B 29 -21.73 19.08 -24.72
N ASP B 30 -21.46 18.74 -25.99
CA ASP B 30 -21.41 17.35 -26.50
C ASP B 30 -20.25 16.57 -25.87
N ARG B 31 -19.20 17.27 -25.42
CA ARG B 31 -17.94 16.68 -24.93
C ARG B 31 -18.04 16.37 -23.43
N ALA B 32 -19.05 16.94 -22.76
CA ALA B 32 -19.22 16.75 -21.30
C ALA B 32 -19.53 15.28 -21.03
N PRO B 33 -19.37 14.80 -19.77
CA PRO B 33 -19.75 13.43 -19.41
C PRO B 33 -21.24 13.22 -19.65
N ARG B 34 -21.60 12.24 -20.48
CA ARG B 34 -23.00 11.88 -20.79
C ARG B 34 -23.09 10.36 -20.85
N CYS B 35 -24.30 9.80 -20.75
CA CYS B 35 -24.47 8.33 -20.65
CA CYS B 35 -24.54 8.34 -20.58
C CYS B 35 -25.63 7.86 -21.54
N VAL B 36 -25.45 6.68 -22.11
CA VAL B 36 -26.48 5.95 -22.90
C VAL B 36 -26.92 4.76 -22.04
N ARG B 37 -28.23 4.58 -21.89
CA ARG B 37 -28.81 3.41 -21.18
C ARG B 37 -29.47 2.51 -22.24
N ASP B 38 -28.86 1.35 -22.49
CA ASP B 38 -29.36 0.31 -23.44
C ASP B 38 -28.79 -1.07 -23.08
N ASN B 39 -29.50 -2.11 -23.54
CA ASN B 39 -29.53 -3.46 -22.93
C ASN B 39 -29.47 -3.30 -21.40
N GLY B 40 -28.55 -3.98 -20.71
CA GLY B 40 -28.51 -3.98 -19.24
C GLY B 40 -27.42 -3.07 -18.77
N ARG B 41 -27.02 -2.19 -19.69
CA ARG B 41 -25.68 -1.54 -19.69
C ARG B 41 -25.90 -0.03 -19.72
N GLU B 42 -25.21 0.65 -18.82
CA GLU B 42 -25.01 2.11 -18.89
C GLU B 42 -23.55 2.37 -19.29
N THR B 43 -23.34 2.90 -20.50
CA THR B 43 -22.01 3.40 -20.96
C THR B 43 -21.88 4.91 -20.74
N VAL B 44 -20.89 5.33 -19.96
CA VAL B 44 -20.50 6.75 -19.78
C VAL B 44 -19.49 7.12 -20.88
N TYR B 45 -19.71 8.29 -21.51
CA TYR B 45 -18.82 8.91 -22.53
C TYR B 45 -18.26 10.24 -22.01
N VAL B 46 -17.01 10.51 -22.35
CA VAL B 46 -16.29 11.77 -22.02
C VAL B 46 -15.42 12.16 -23.21
N ASP B 47 -15.72 13.32 -23.82
CA ASP B 47 -14.91 13.98 -24.86
C ASP B 47 -14.47 12.97 -25.93
N GLY B 48 -15.36 12.08 -26.37
CA GLY B 48 -15.10 11.13 -27.48
C GLY B 48 -14.40 9.86 -27.01
N GLN B 49 -14.68 9.44 -25.76
CA GLN B 49 -14.04 8.29 -25.08
C GLN B 49 -15.07 7.62 -24.16
N VAL B 50 -15.39 6.34 -24.43
CA VAL B 50 -16.06 5.42 -23.45
C VAL B 50 -15.12 5.28 -22.24
N VAL B 51 -15.50 5.76 -21.06
CA VAL B 51 -14.59 5.78 -19.87
C VAL B 51 -15.00 4.68 -18.89
N ARG B 52 -16.23 4.17 -19.01
CA ARG B 52 -16.82 3.25 -18.00
C ARG B 52 -18.03 2.56 -18.63
N ARG B 53 -18.14 1.27 -18.36
CA ARG B 53 -19.32 0.42 -18.69
C ARG B 53 -19.64 -0.40 -17.43
N ASP B 54 -20.86 -0.30 -16.95
CA ASP B 54 -21.37 -1.06 -15.79
C ASP B 54 -22.65 -1.74 -16.25
N PRO B 55 -23.07 -2.81 -15.55
CA PRO B 55 -24.40 -3.37 -15.74
C PRO B 55 -25.40 -2.49 -14.97
N LEU B 56 -26.66 -2.41 -15.42
CA LEU B 56 -27.67 -1.49 -14.81
C LEU B 56 -27.93 -1.86 -13.34
N ASP B 57 -27.82 -3.16 -13.00
CA ASP B 57 -27.99 -3.73 -11.64
C ASP B 57 -27.07 -2.98 -10.64
N PHE B 58 -25.79 -2.81 -10.99
CA PHE B 58 -24.74 -2.28 -10.08
C PHE B 58 -24.80 -0.75 -10.12
N ALA B 59 -24.96 -0.22 -11.34
CA ALA B 59 -25.15 1.22 -11.64
C ALA B 59 -26.25 1.78 -10.73
N ASP B 60 -27.40 1.09 -10.71
CA ASP B 60 -28.66 1.50 -10.00
C ASP B 60 -28.68 1.01 -8.54
N ALA B 61 -27.81 0.07 -8.16
CA ALA B 61 -27.63 -0.36 -6.75
C ALA B 61 -27.06 0.81 -5.97
N MET B 62 -26.23 1.60 -6.62
CA MET B 62 -25.60 2.80 -6.00
C MET B 62 -26.56 3.99 -6.08
N ARG B 63 -27.82 3.78 -6.51
CA ARG B 63 -28.75 4.90 -6.76
C ARG B 63 -30.04 4.72 -5.96
N PRO B 64 -29.96 4.62 -4.62
CA PRO B 64 -31.17 4.64 -3.80
C PRO B 64 -31.74 6.03 -4.02
N PRO B 65 -33.00 6.29 -3.64
CA PRO B 65 -33.62 7.58 -3.96
C PRO B 65 -32.93 8.78 -3.29
N GLY B 66 -32.26 8.60 -2.15
CA GLY B 66 -31.51 9.67 -1.46
C GLY B 66 -30.28 10.12 -2.24
N ALA B 67 -29.81 9.32 -3.19
CA ALA B 67 -28.63 9.61 -4.03
C ALA B 67 -28.97 10.66 -5.08
N LEU B 68 -30.26 10.83 -5.38
CA LEU B 68 -30.85 11.77 -6.37
C LEU B 68 -31.60 12.91 -5.67
N ASP B 69 -32.68 12.60 -4.91
CA ASP B 69 -33.49 13.57 -4.13
C ASP B 69 -32.75 13.95 -2.83
N HIS B 70 -32.33 15.22 -2.74
CA HIS B 70 -31.54 15.76 -1.60
CA HIS B 70 -31.54 15.78 -1.60
C HIS B 70 -32.42 15.90 -0.36
N HIS B 71 -33.75 15.96 -0.51
CA HIS B 71 -34.72 15.95 0.62
C HIS B 71 -34.77 14.54 1.22
N ILE B 72 -34.68 13.48 0.42
CA ILE B 72 -34.66 12.10 0.97
C ILE B 72 -33.27 11.83 1.59
N ARG B 73 -32.18 12.28 0.98
CA ARG B 73 -30.80 12.14 1.52
C ARG B 73 -30.87 12.50 3.01
N LEU B 74 -31.34 13.70 3.33
CA LEU B 74 -31.41 14.21 4.73
C LEU B 74 -32.23 13.27 5.62
N LYS B 75 -33.26 12.63 5.09
CA LYS B 75 -34.12 11.74 5.91
C LYS B 75 -33.34 10.46 6.20
N ASP B 76 -32.58 9.98 5.22
CA ASP B 76 -31.62 8.85 5.33
C ASP B 76 -30.48 9.19 6.32
N LEU B 77 -29.89 10.37 6.26
CA LEU B 77 -28.90 10.80 7.27
C LEU B 77 -29.49 10.60 8.68
N ASP B 78 -30.61 11.26 8.99
CA ASP B 78 -31.34 11.13 10.29
C ASP B 78 -31.52 9.65 10.62
N ASP B 79 -31.91 8.85 9.64
CA ASP B 79 -32.25 7.43 9.87
C ASP B 79 -31.00 6.64 10.26
N GLN B 80 -29.85 7.04 9.70
CA GLN B 80 -28.56 6.34 9.88
C GLN B 80 -27.92 6.83 11.16
N GLY B 81 -28.41 7.94 11.70
CA GLY B 81 -27.82 8.58 12.87
C GLY B 81 -26.54 9.27 12.49
N ILE B 82 -26.55 9.94 11.33
CA ILE B 82 -25.41 10.71 10.75
C ILE B 82 -25.84 12.18 10.75
N TRP B 83 -24.99 13.08 11.24
CA TRP B 83 -25.20 14.55 11.34
C TRP B 83 -24.51 15.26 10.17
N GLY B 84 -23.23 15.63 10.31
CA GLY B 84 -22.33 16.07 9.20
C GLY B 84 -22.17 14.98 8.14
N GLU B 85 -21.94 15.38 6.89
CA GLU B 85 -21.54 14.49 5.75
C GLU B 85 -20.79 15.35 4.73
N VAL B 86 -19.59 14.93 4.36
CA VAL B 86 -18.82 15.52 3.24
C VAL B 86 -19.40 14.87 2.00
N VAL B 87 -19.59 15.66 0.93
CA VAL B 87 -20.15 15.16 -0.34
C VAL B 87 -19.10 15.35 -1.45
N PHE B 88 -18.82 14.26 -2.14
CA PHE B 88 -17.87 14.17 -3.27
C PHE B 88 -18.71 13.93 -4.53
N PRO B 89 -18.20 14.28 -5.73
CA PRO B 89 -18.92 14.04 -6.98
C PRO B 89 -19.07 12.54 -7.29
N SER B 90 -19.88 12.20 -8.29
CA SER B 90 -19.89 10.87 -8.95
C SER B 90 -19.52 11.08 -10.42
N ARG B 91 -20.40 11.73 -11.19
CA ARG B 91 -20.20 11.98 -12.63
C ARG B 91 -19.06 12.99 -12.82
N GLY B 92 -18.96 14.00 -11.97
CA GLY B 92 -17.93 15.06 -12.08
C GLY B 92 -16.51 14.53 -11.90
N LEU B 93 -16.32 13.32 -11.37
CA LEU B 93 -15.00 12.71 -11.09
C LEU B 93 -14.27 12.47 -12.41
N TRP B 94 -15.04 12.26 -13.48
CA TRP B 94 -14.50 12.03 -14.83
C TRP B 94 -13.83 13.31 -15.34
N THR B 95 -14.01 14.47 -14.66
CA THR B 95 -13.22 15.68 -15.00
C THR B 95 -11.74 15.39 -14.84
N ALA B 96 -11.39 14.46 -13.91
CA ALA B 96 -10.01 14.14 -13.52
C ALA B 96 -9.32 13.29 -14.59
N VAL B 97 -10.05 12.70 -15.55
CA VAL B 97 -9.40 11.94 -16.68
C VAL B 97 -9.53 12.68 -18.01
N MET B 98 -10.03 13.91 -18.01
CA MET B 98 -10.07 14.77 -19.23
C MET B 98 -8.63 15.17 -19.62
N THR B 99 -8.37 15.27 -20.92
CA THR B 99 -7.05 15.68 -21.45
C THR B 99 -7.07 17.16 -21.84
N ASP B 100 -8.25 17.80 -21.87
CA ASP B 100 -8.38 19.22 -22.29
C ASP B 100 -8.63 20.10 -21.07
N PRO B 101 -7.65 20.96 -20.69
CA PRO B 101 -7.82 21.86 -19.55
C PRO B 101 -9.07 22.72 -19.69
N VAL B 102 -9.39 23.21 -20.90
CA VAL B 102 -10.53 24.15 -21.09
C VAL B 102 -11.80 23.36 -20.72
N LEU B 103 -12.03 22.19 -21.31
CA LEU B 103 -13.25 21.39 -21.03
C LEU B 103 -13.32 21.09 -19.52
N ALA B 104 -12.25 20.58 -18.93
CA ALA B 104 -12.19 20.24 -17.50
C ALA B 104 -12.49 21.49 -16.68
N ARG B 105 -11.82 22.62 -16.91
CA ARG B 105 -12.07 23.88 -16.16
C ARG B 105 -13.58 24.19 -16.15
N GLU B 106 -14.20 24.28 -17.34
CA GLU B 106 -15.60 24.74 -17.54
C GLU B 106 -16.58 23.73 -16.92
N CYS B 107 -16.38 22.42 -17.10
CA CYS B 107 -17.21 21.37 -16.45
C CYS B 107 -17.14 21.52 -14.92
N ILE B 108 -15.97 21.88 -14.38
CA ILE B 108 -15.73 21.97 -12.92
C ILE B 108 -16.46 23.20 -12.39
N LYS B 109 -16.31 24.34 -13.06
CA LYS B 109 -17.04 25.59 -12.76
C LYS B 109 -18.54 25.27 -12.62
N VAL B 110 -19.10 24.47 -13.55
CA VAL B 110 -20.57 24.19 -13.64
C VAL B 110 -21.00 23.39 -12.42
N TYR B 111 -20.24 22.33 -12.14
CA TYR B 111 -20.44 21.41 -10.99
C TYR B 111 -20.42 22.20 -9.68
N ASN B 112 -19.39 22.99 -9.47
CA ASN B 112 -19.18 23.72 -8.20
C ASN B 112 -20.36 24.67 -7.96
N ASP B 113 -20.88 25.34 -8.99
CA ASP B 113 -22.00 26.30 -8.86
C ASP B 113 -23.27 25.49 -8.56
N TRP B 114 -23.50 24.38 -9.25
CA TRP B 114 -24.72 23.58 -9.01
C TRP B 114 -24.72 23.04 -7.58
N LEU B 115 -23.61 22.46 -7.14
CA LEU B 115 -23.52 21.73 -5.85
C LEU B 115 -23.88 22.69 -4.72
N LYS B 116 -23.28 23.88 -4.72
CA LYS B 116 -23.50 24.93 -3.69
C LYS B 116 -24.95 25.45 -3.75
N SER B 117 -25.40 25.91 -4.93
CA SER B 117 -26.69 26.65 -5.07
C SER B 117 -27.88 25.69 -4.93
N ASP B 118 -27.80 24.41 -5.33
CA ASP B 118 -28.99 23.52 -5.45
C ASP B 118 -29.00 22.36 -4.44
N PHE B 119 -27.89 22.10 -3.73
CA PHE B 119 -27.72 20.94 -2.80
C PHE B 119 -27.29 21.44 -1.41
N LEU B 120 -26.08 21.97 -1.29
CA LEU B 120 -25.50 22.46 0.00
C LEU B 120 -26.42 23.50 0.66
N SER B 121 -27.25 24.17 -0.13
CA SER B 121 -28.19 25.23 0.32
C SER B 121 -29.32 24.61 1.15
N LEU B 122 -29.62 23.32 1.00
CA LEU B 122 -30.73 22.68 1.73
C LEU B 122 -30.40 22.53 3.22
N SER B 123 -29.14 22.35 3.61
CA SER B 123 -28.73 22.09 5.02
C SER B 123 -27.26 22.39 5.24
N PRO B 124 -26.94 23.04 6.37
CA PRO B 124 -25.56 23.26 6.76
C PRO B 124 -24.90 21.94 7.24
N ARG B 125 -25.66 20.86 7.39
CA ARG B 125 -25.14 19.50 7.70
C ARG B 125 -24.24 19.00 6.56
N LEU B 126 -24.56 19.39 5.32
CA LEU B 126 -23.85 18.96 4.08
C LEU B 126 -22.67 19.89 3.84
N VAL B 127 -21.46 19.33 3.82
CA VAL B 127 -20.20 20.01 3.47
C VAL B 127 -19.80 19.49 2.09
N GLY B 128 -19.52 20.38 1.15
CA GLY B 128 -19.25 19.94 -0.23
C GLY B 128 -17.77 20.01 -0.51
N ALA B 129 -17.27 19.09 -1.33
CA ALA B 129 -15.93 19.17 -1.96
C ALA B 129 -16.09 19.86 -3.31
N ALA B 130 -15.41 21.00 -3.49
CA ALA B 130 -15.27 21.71 -4.79
C ALA B 130 -14.19 21.04 -5.63
N MET B 131 -14.47 20.72 -6.89
CA MET B 131 -13.41 20.23 -7.80
C MET B 131 -12.53 21.42 -8.22
N VAL B 132 -11.27 21.14 -8.55
CA VAL B 132 -10.32 22.12 -9.14
C VAL B 132 -9.48 21.40 -10.20
N SER B 133 -9.12 22.07 -11.30
CA SER B 133 -8.44 21.45 -12.45
C SER B 133 -7.26 20.60 -11.98
N MET B 134 -7.22 19.34 -12.41
CA MET B 134 -6.05 18.44 -12.25
C MET B 134 -4.97 18.79 -13.29
N LEU B 135 -5.29 19.62 -14.28
CA LEU B 135 -4.50 19.79 -15.53
C LEU B 135 -3.70 21.09 -15.54
N ASP B 136 -4.11 22.12 -14.78
CA ASP B 136 -3.50 23.48 -14.85
C ASP B 136 -3.60 24.16 -13.48
N THR B 137 -2.46 24.58 -12.97
CA THR B 137 -2.36 25.13 -11.60
C THR B 137 -3.14 26.45 -11.54
N ASP B 138 -3.02 27.31 -12.56
CA ASP B 138 -3.67 28.66 -12.55
C ASP B 138 -5.20 28.48 -12.51
N ASP B 139 -5.73 27.51 -13.27
CA ASP B 139 -7.18 27.17 -13.30
C ASP B 139 -7.60 26.64 -11.92
N ALA B 140 -6.75 25.83 -11.29
CA ALA B 140 -7.10 25.20 -10.00
C ALA B 140 -7.08 26.26 -8.89
N VAL B 141 -6.03 27.08 -8.85
CA VAL B 141 -5.91 28.19 -7.86
C VAL B 141 -7.13 29.12 -7.98
N ALA B 142 -7.35 29.70 -9.16
CA ALA B 142 -8.50 30.57 -9.48
C ALA B 142 -9.81 29.93 -8.98
N GLU B 143 -10.03 28.65 -9.26
CA GLU B 143 -11.29 27.95 -8.87
C GLU B 143 -11.34 27.74 -7.35
N LEU B 144 -10.22 27.42 -6.70
CA LEU B 144 -10.21 27.19 -5.23
C LEU B 144 -10.54 28.52 -4.54
N ARG B 145 -9.83 29.58 -4.91
CA ARG B 145 -10.12 30.96 -4.42
C ARG B 145 -11.61 31.30 -4.62
N ARG B 146 -12.16 31.10 -5.82
CA ARG B 146 -13.59 31.38 -6.15
C ARG B 146 -14.49 30.49 -5.28
N ALA B 147 -14.10 29.23 -5.08
CA ALA B 147 -14.85 28.24 -4.27
C ALA B 147 -14.81 28.65 -2.79
N ALA B 148 -13.70 29.22 -2.32
CA ALA B 148 -13.57 29.64 -0.91
C ALA B 148 -14.56 30.78 -0.65
N ASP B 149 -14.49 31.87 -1.43
CA ASP B 149 -15.46 33.01 -1.44
C ASP B 149 -16.89 32.47 -1.34
N LEU B 150 -17.24 31.46 -2.14
CA LEU B 150 -18.60 30.86 -2.13
C LEU B 150 -18.86 30.13 -0.80
N GLY B 151 -17.81 29.95 0.02
CA GLY B 151 -17.90 29.34 1.36
C GLY B 151 -17.59 27.85 1.36
N TYR B 152 -16.97 27.30 0.30
CA TYR B 152 -16.48 25.89 0.26
C TYR B 152 -15.34 25.71 1.26
N GLN B 153 -15.33 24.56 1.95
CA GLN B 153 -14.34 24.26 3.01
C GLN B 153 -13.26 23.27 2.55
N THR B 154 -13.45 22.57 1.43
CA THR B 154 -12.47 21.55 0.95
C THR B 154 -12.52 21.44 -0.59
N VAL B 155 -11.39 21.17 -1.23
CA VAL B 155 -11.28 20.86 -2.69
C VAL B 155 -11.03 19.36 -2.85
N PHE B 156 -11.56 18.76 -3.91
CA PHE B 156 -11.29 17.36 -4.29
C PHE B 156 -10.16 17.35 -5.33
N LEU B 157 -9.17 16.47 -5.15
CA LEU B 157 -8.12 16.13 -6.15
C LEU B 157 -8.23 14.62 -6.41
N ALA B 158 -8.01 14.15 -7.65
CA ALA B 158 -7.97 12.70 -7.97
C ALA B 158 -6.70 12.05 -7.39
N ALA B 159 -6.76 10.77 -6.99
CA ALA B 159 -5.62 10.08 -6.34
C ALA B 159 -4.50 9.91 -7.37
N THR B 160 -4.85 9.68 -8.62
CA THR B 160 -3.86 9.61 -9.74
C THR B 160 -3.96 10.89 -10.57
N PRO B 161 -2.99 11.83 -10.44
CA PRO B 161 -2.99 13.01 -11.27
C PRO B 161 -2.55 12.66 -12.69
N PRO B 162 -2.69 13.61 -13.65
CA PRO B 162 -2.22 13.39 -15.01
C PRO B 162 -0.71 13.22 -15.08
N PRO B 163 -0.20 12.46 -16.08
CA PRO B 163 1.22 12.31 -16.34
C PRO B 163 2.06 13.59 -16.26
N GLY B 164 3.15 13.57 -15.49
CA GLY B 164 4.05 14.73 -15.32
C GLY B 164 3.50 15.70 -14.30
N ARG B 165 2.32 15.41 -13.73
CA ARG B 165 1.72 16.26 -12.67
C ARG B 165 1.61 15.44 -11.39
N GLU B 166 2.61 14.63 -11.10
CA GLU B 166 2.71 13.88 -9.81
C GLU B 166 2.78 14.92 -8.68
N PHE B 167 2.23 14.58 -7.51
CA PHE B 167 2.00 15.50 -6.39
C PHE B 167 3.31 15.97 -5.73
N ASN B 168 4.47 15.47 -6.16
CA ASN B 168 5.78 15.94 -5.64
C ASN B 168 6.33 17.07 -6.53
N MET B 169 5.71 17.36 -7.68
CA MET B 169 6.25 18.31 -8.68
C MET B 169 5.97 19.75 -8.24
N ASP B 170 6.81 20.68 -8.70
CA ASP B 170 6.74 22.13 -8.36
C ASP B 170 5.40 22.72 -8.82
N VAL B 171 4.80 22.17 -9.88
CA VAL B 171 3.60 22.75 -10.54
C VAL B 171 2.48 22.92 -9.50
N TRP B 172 2.49 22.10 -8.44
CA TRP B 172 1.39 22.05 -7.42
C TRP B 172 1.61 23.12 -6.35
N GLU B 173 2.79 23.73 -6.30
CA GLU B 173 3.18 24.60 -5.16
C GLU B 173 2.15 25.73 -5.00
N PRO B 174 1.80 26.49 -6.06
CA PRO B 174 0.83 27.58 -5.92
C PRO B 174 -0.53 27.12 -5.37
N LEU B 175 -0.91 25.87 -5.62
CA LEU B 175 -2.19 25.36 -5.08
C LEU B 175 -2.04 25.11 -3.57
N TRP B 176 -0.92 24.53 -3.12
CA TRP B 176 -0.75 24.17 -1.69
C TRP B 176 -0.82 25.46 -0.87
N ALA B 177 -0.17 26.52 -1.37
CA ALA B 177 -0.20 27.91 -0.80
C ALA B 177 -1.65 28.39 -0.70
N ALA B 178 -2.31 28.61 -1.84
CA ALA B 178 -3.74 29.02 -1.89
C ALA B 178 -4.55 28.23 -0.86
N ALA B 179 -4.46 26.90 -0.89
CA ALA B 179 -5.24 26.03 0.01
C ALA B 179 -4.90 26.35 1.47
N GLU B 180 -3.60 26.51 1.78
CA GLU B 180 -3.12 26.84 3.14
C GLU B 180 -3.72 28.18 3.56
N GLU B 181 -3.50 29.22 2.75
CA GLU B 181 -4.05 30.61 2.91
C GLU B 181 -5.55 30.54 3.22
N ALA B 182 -6.32 29.75 2.48
CA ALA B 182 -7.81 29.79 2.51
C ALA B 182 -8.38 28.98 3.68
N GLY B 183 -7.55 28.21 4.41
CA GLY B 183 -7.98 27.35 5.53
C GLY B 183 -8.60 26.06 5.01
N MET B 184 -8.31 25.74 3.76
CA MET B 184 -9.10 24.80 2.93
C MET B 184 -8.47 23.41 2.99
N THR B 185 -9.24 22.40 3.36
CA THR B 185 -8.77 21.00 3.40
C THR B 185 -8.64 20.51 1.96
N VAL B 186 -7.52 19.84 1.62
CA VAL B 186 -7.38 19.06 0.34
C VAL B 186 -7.84 17.62 0.59
N SER B 187 -8.96 17.21 -0.01
CA SER B 187 -9.49 15.83 0.02
C SER B 187 -9.12 15.11 -1.27
N ILE B 188 -8.27 14.09 -1.18
CA ILE B 188 -7.88 13.17 -2.27
C ILE B 188 -8.72 11.92 -2.12
N HIS B 189 -9.56 11.62 -3.10
CA HIS B 189 -10.49 10.47 -3.02
C HIS B 189 -9.96 9.40 -3.94
N ILE B 190 -9.83 8.18 -3.45
CA ILE B 190 -9.27 7.05 -4.23
C ILE B 190 -10.22 6.71 -5.37
N GLY B 191 -9.74 5.86 -6.27
CA GLY B 191 -10.48 5.33 -7.41
C GLY B 191 -10.65 6.37 -8.52
N THR B 192 -9.89 7.48 -8.46
CA THR B 192 -10.07 8.62 -9.39
C THR B 192 -8.77 8.95 -10.12
N GLY B 193 -8.90 9.54 -11.32
CA GLY B 193 -7.77 9.99 -12.16
C GLY B 193 -7.20 8.90 -13.06
N ALA B 194 -7.65 7.66 -12.95
CA ALA B 194 -7.18 6.54 -13.78
C ALA B 194 -8.26 5.46 -13.81
N ASP B 195 -8.12 4.55 -14.78
CA ASP B 195 -8.93 3.31 -14.91
C ASP B 195 -8.71 2.47 -13.63
N THR B 196 -9.81 2.04 -12.99
CA THR B 196 -9.85 1.30 -11.71
C THR B 196 -9.89 -0.22 -11.95
N VAL B 197 -10.16 -0.68 -13.18
CA VAL B 197 -10.25 -2.13 -13.55
C VAL B 197 -8.91 -2.60 -14.16
N VAL B 198 -7.89 -2.81 -13.32
CA VAL B 198 -6.46 -3.09 -13.67
C VAL B 198 -6.27 -4.60 -13.83
N ALA B 199 -6.83 -5.42 -12.93
CA ALA B 199 -6.66 -6.89 -12.85
C ALA B 199 -7.90 -7.60 -13.40
N ARG B 200 -7.70 -8.70 -14.13
CA ARG B 200 -8.83 -9.44 -14.78
C ARG B 200 -8.69 -10.96 -14.60
N GLY B 201 -7.75 -11.45 -13.80
CA GLY B 201 -7.64 -12.90 -13.51
C GLY B 201 -8.60 -13.35 -12.41
N PRO B 202 -8.48 -14.60 -11.91
CA PRO B 202 -9.15 -15.00 -10.68
C PRO B 202 -8.82 -14.02 -9.54
N GLY B 203 -9.84 -13.60 -8.77
CA GLY B 203 -9.72 -12.71 -7.61
C GLY B 203 -9.74 -11.24 -8.03
N GLY B 204 -10.15 -10.97 -9.27
CA GLY B 204 -10.08 -9.64 -9.88
C GLY B 204 -10.73 -8.57 -9.03
N ALA B 205 -11.91 -8.85 -8.48
CA ALA B 205 -12.70 -7.83 -7.76
C ALA B 205 -11.96 -7.41 -6.49
N VAL B 206 -11.32 -8.35 -5.79
CA VAL B 206 -10.58 -8.04 -4.53
C VAL B 206 -9.25 -7.36 -4.90
N ILE B 207 -8.54 -7.93 -5.87
CA ILE B 207 -7.29 -7.32 -6.40
C ILE B 207 -7.57 -5.85 -6.74
N ASN B 208 -8.62 -5.57 -7.51
CA ASN B 208 -8.82 -4.18 -8.01
C ASN B 208 -9.15 -3.25 -6.85
N TYR B 209 -9.80 -3.77 -5.81
CA TYR B 209 -10.23 -2.93 -4.67
C TYR B 209 -8.98 -2.49 -3.93
N VAL B 210 -8.02 -3.42 -3.81
CA VAL B 210 -6.63 -3.22 -3.29
C VAL B 210 -5.83 -2.26 -4.19
N GLU B 211 -5.88 -2.43 -5.51
CA GLU B 211 -5.09 -1.59 -6.45
C GLU B 211 -5.37 -0.09 -6.25
N THR B 212 -6.56 0.29 -5.77
CA THR B 212 -6.95 1.73 -5.61
C THR B 212 -6.14 2.37 -4.47
N LEU B 213 -5.59 1.59 -3.53
CA LEU B 213 -4.75 2.11 -2.40
C LEU B 213 -3.42 2.66 -2.92
N PHE B 214 -2.86 2.09 -3.98
CA PHE B 214 -1.46 2.36 -4.38
C PHE B 214 -1.30 3.86 -4.67
N PRO B 215 -2.17 4.48 -5.50
CA PRO B 215 -2.13 5.92 -5.74
C PRO B 215 -2.32 6.78 -4.48
N ALA B 216 -3.17 6.33 -3.56
CA ALA B 216 -3.38 6.98 -2.26
C ALA B 216 -2.06 6.99 -1.49
N GLN B 217 -1.43 5.82 -1.33
CA GLN B 217 -0.12 5.66 -0.63
C GLN B 217 0.92 6.50 -1.36
N ARG B 218 0.99 6.35 -2.66
CA ARG B 218 1.93 7.12 -3.52
C ARG B 218 1.73 8.61 -3.24
N ALA B 219 0.48 9.06 -3.15
CA ALA B 219 0.12 10.49 -2.98
C ALA B 219 0.66 11.02 -1.66
N VAL B 220 0.44 10.27 -0.58
CA VAL B 220 0.95 10.64 0.77
C VAL B 220 2.48 10.77 0.67
N ALA B 221 3.13 9.72 0.16
CA ALA B 221 4.60 9.63 -0.04
C ALA B 221 5.07 10.86 -0.80
N GLN B 222 4.41 11.22 -1.90
CA GLN B 222 4.84 12.39 -2.72
C GLN B 222 4.67 13.68 -1.91
N LEU B 223 3.61 13.83 -1.12
CA LEU B 223 3.31 15.09 -0.38
C LEU B 223 4.28 15.22 0.81
N VAL B 224 4.53 14.11 1.53
CA VAL B 224 5.53 14.08 2.63
C VAL B 224 6.95 14.29 2.08
N ALA B 225 7.42 13.42 1.20
CA ALA B 225 8.83 13.36 0.76
C ALA B 225 9.25 14.66 0.07
N SER B 226 8.31 15.36 -0.61
CA SER B 226 8.58 16.58 -1.42
C SER B 226 8.74 17.79 -0.51
N GLY B 227 8.23 17.72 0.71
CA GLY B 227 8.22 18.84 1.66
C GLY B 227 6.97 19.70 1.56
N ALA B 228 6.03 19.38 0.65
CA ALA B 228 4.81 20.19 0.40
C ALA B 228 4.07 20.37 1.73
N LEU B 229 3.81 19.29 2.45
CA LEU B 229 3.20 19.39 3.80
C LEU B 229 4.14 20.18 4.72
N ASP B 230 5.45 20.03 4.58
CA ASP B 230 6.45 20.62 5.50
C ASP B 230 6.48 22.14 5.35
N ARG B 231 6.31 22.65 4.12
CA ARG B 231 6.37 24.10 3.79
C ARG B 231 5.04 24.77 4.15
N HIS B 232 3.99 23.99 4.34
CA HIS B 232 2.60 24.47 4.57
C HIS B 232 2.04 23.72 5.79
N PRO B 233 2.53 24.08 6.99
CA PRO B 233 2.03 23.49 8.24
C PRO B 233 0.52 23.60 8.47
N GLY B 234 -0.15 24.61 7.92
CA GLY B 234 -1.62 24.73 7.95
C GLY B 234 -2.32 23.82 6.95
N LEU B 235 -1.62 23.30 5.93
CA LEU B 235 -2.26 22.49 4.86
C LEU B 235 -2.54 21.11 5.43
N ARG B 236 -3.80 20.72 5.47
CA ARG B 236 -4.25 19.40 5.95
C ARG B 236 -4.91 18.67 4.80
N VAL B 237 -4.67 17.37 4.73
CA VAL B 237 -5.00 16.50 3.58
C VAL B 237 -5.85 15.36 4.16
N LEU B 238 -6.94 15.04 3.47
CA LEU B 238 -7.81 13.90 3.80
C LEU B 238 -7.73 12.87 2.66
N ILE B 239 -7.22 11.68 2.96
CA ILE B 239 -7.28 10.54 2.02
C ILE B 239 -8.63 9.88 2.31
N ALA B 240 -9.53 9.90 1.35
CA ALA B 240 -10.92 9.47 1.54
C ALA B 240 -11.06 8.13 0.84
N GLU B 241 -11.62 7.16 1.55
CA GLU B 241 -12.13 5.86 1.03
C GLU B 241 -10.96 4.88 0.87
N ALA B 242 -9.83 5.10 1.55
CA ALA B 242 -8.61 4.26 1.46
C ALA B 242 -8.40 3.34 2.67
N GLY B 243 -9.27 3.35 3.67
CA GLY B 243 -8.93 2.74 4.96
C GLY B 243 -7.80 3.53 5.60
N CYS B 244 -7.26 3.07 6.73
CA CYS B 244 -6.49 3.95 7.66
C CYS B 244 -5.13 3.39 8.10
N ALA B 245 -5.07 2.09 8.39
CA ALA B 245 -3.98 1.43 9.13
C ALA B 245 -2.69 1.40 8.30
N TRP B 246 -2.79 1.49 6.97
CA TRP B 246 -1.62 1.59 6.06
C TRP B 246 -0.89 2.91 6.29
N VAL B 247 -1.53 3.88 6.94
CA VAL B 247 -0.96 5.26 7.02
C VAL B 247 0.19 5.28 8.04
N PRO B 248 0.04 4.79 9.30
CA PRO B 248 1.19 4.70 10.19
C PRO B 248 2.25 3.73 9.64
N ALA B 249 1.86 2.62 9.01
CA ALA B 249 2.78 1.71 8.30
C ALA B 249 3.72 2.49 7.38
N LEU B 250 3.13 3.38 6.59
CA LEU B 250 3.84 4.18 5.56
C LEU B 250 4.67 5.26 6.25
N ALA B 251 4.18 5.78 7.37
CA ALA B 251 4.95 6.68 8.26
C ALA B 251 6.28 5.98 8.64
N ASP B 252 6.21 4.71 9.09
CA ASP B 252 7.43 3.95 9.51
C ASP B 252 8.35 3.78 8.30
N ARG B 253 7.79 3.42 7.16
CA ARG B 253 8.57 3.11 5.94
C ARG B 253 9.30 4.39 5.47
N MET B 254 8.68 5.55 5.55
CA MET B 254 9.34 6.78 5.03
C MET B 254 10.40 7.22 6.04
N ASP B 255 10.16 6.97 7.32
CA ASP B 255 11.13 7.22 8.42
C ASP B 255 12.40 6.38 8.23
N GLU B 256 12.27 5.05 8.05
CA GLU B 256 13.39 4.12 7.72
C GLU B 256 14.21 4.68 6.56
N ALA B 257 13.57 5.03 5.44
CA ALA B 257 14.28 5.57 4.25
C ALA B 257 14.90 6.92 4.63
N TYR B 258 14.23 7.77 5.38
CA TYR B 258 14.75 9.13 5.71
C TYR B 258 16.02 8.98 6.58
N ARG B 259 16.00 8.06 7.53
CA ARG B 259 17.09 7.83 8.51
C ARG B 259 18.23 7.06 7.84
N GLN B 260 17.97 5.84 7.36
CA GLN B 260 19.01 4.90 6.89
C GLN B 260 19.50 5.31 5.48
N HIS B 261 18.65 5.96 4.68
CA HIS B 261 19.04 6.40 3.31
C HIS B 261 19.27 7.90 3.28
N GLY B 262 19.44 8.53 4.46
CA GLY B 262 19.69 9.98 4.59
C GLY B 262 20.51 10.57 3.43
N MET B 263 21.56 9.90 2.98
CA MET B 263 22.57 10.49 2.07
C MET B 263 21.99 10.72 0.66
N PHE B 264 20.89 10.06 0.28
CA PHE B 264 20.25 10.17 -1.07
C PHE B 264 18.97 11.01 -1.01
N VAL B 265 18.64 11.61 0.15
CA VAL B 265 17.32 12.25 0.45
C VAL B 265 17.37 13.73 0.08
N ARG B 266 16.46 14.17 -0.79
CA ARG B 266 16.37 15.56 -1.29
C ARG B 266 14.90 15.83 -1.62
N PRO B 267 14.24 16.81 -0.97
CA PRO B 267 14.86 17.70 0.01
C PRO B 267 14.89 17.12 1.43
N LYS B 268 15.56 17.85 2.33
CA LYS B 268 15.50 17.65 3.79
C LYS B 268 14.16 18.19 4.27
N LEU B 269 13.67 17.60 5.35
CA LEU B 269 12.41 18.01 6.02
C LEU B 269 12.76 18.61 7.38
N SER B 270 11.94 19.55 7.85
CA SER B 270 12.12 20.27 9.15
C SER B 270 11.87 19.28 10.30
N MET B 271 11.05 18.26 10.06
CA MET B 271 10.75 17.14 10.99
C MET B 271 10.71 15.86 10.15
N LEU B 272 10.45 14.69 10.74
CA LEU B 272 10.50 13.39 10.02
C LEU B 272 9.17 13.12 9.32
N PRO B 273 9.20 12.38 8.21
CA PRO B 273 7.97 11.94 7.55
C PRO B 273 6.87 11.52 8.52
N GLY B 274 7.20 10.70 9.52
CA GLY B 274 6.21 10.19 10.49
C GLY B 274 5.47 11.34 11.15
N GLU B 275 6.14 12.45 11.44
CA GLU B 275 5.59 13.58 12.22
C GLU B 275 4.65 14.41 11.32
N LEU B 276 5.06 14.63 10.06
CA LEU B 276 4.25 15.30 9.00
C LEU B 276 2.95 14.52 8.79
N VAL B 277 3.03 13.20 8.66
CA VAL B 277 1.83 12.32 8.53
C VAL B 277 0.90 12.52 9.74
N ARG B 278 1.44 12.36 10.94
CA ARG B 278 0.69 12.38 12.23
C ARG B 278 0.12 13.78 12.44
N ARG B 279 0.72 14.83 11.86
CA ARG B 279 0.26 16.24 12.04
C ARG B 279 -0.86 16.58 11.02
N GLN B 280 -0.75 16.15 9.76
CA GLN B 280 -1.45 16.78 8.61
C GLN B 280 -2.16 15.80 7.70
N VAL B 281 -1.96 14.49 7.83
CA VAL B 281 -2.59 13.50 6.91
C VAL B 281 -3.69 12.75 7.68
N TYR B 282 -4.94 12.93 7.23
CA TYR B 282 -6.16 12.27 7.76
C TYR B 282 -6.60 11.23 6.73
N ALA B 283 -7.40 10.26 7.12
CA ALA B 283 -7.82 9.18 6.21
C ALA B 283 -9.14 8.65 6.72
N SER B 284 -10.00 8.12 5.86
CA SER B 284 -11.38 7.72 6.22
C SER B 284 -11.55 6.24 5.93
N PHE B 285 -12.56 5.60 6.52
CA PHE B 285 -12.84 4.15 6.41
C PHE B 285 -14.32 3.95 6.74
N GLN B 286 -14.88 2.81 6.37
CA GLN B 286 -16.31 2.49 6.58
C GLN B 286 -16.46 1.31 7.55
N HIS B 287 -15.77 0.19 7.31
CA HIS B 287 -15.92 -1.07 8.08
C HIS B 287 -14.65 -1.48 8.83
N ASP B 288 -13.50 -0.90 8.53
CA ASP B 288 -12.17 -1.46 8.91
C ASP B 288 -11.94 -1.37 10.42
N GLU B 289 -11.90 -2.50 11.14
CA GLU B 289 -11.61 -2.53 12.60
C GLU B 289 -10.19 -2.05 12.86
N THR B 290 -9.27 -2.31 11.93
CA THR B 290 -7.84 -1.89 12.01
C THR B 290 -7.76 -0.38 12.25
N ALA B 291 -8.79 0.36 11.87
CA ALA B 291 -8.82 1.84 11.97
C ALA B 291 -8.74 2.27 13.44
N ILE B 292 -9.39 1.53 14.33
CA ILE B 292 -9.33 1.75 15.80
C ILE B 292 -7.92 1.44 16.30
N GLY B 293 -7.44 0.22 16.00
CA GLY B 293 -6.06 -0.23 16.25
C GLY B 293 -5.02 0.86 15.93
N ALA B 294 -5.15 1.54 14.79
CA ALA B 294 -4.16 2.56 14.35
C ALA B 294 -4.16 3.70 15.36
N VAL B 295 -5.30 3.98 15.98
CA VAL B 295 -5.45 5.07 16.98
C VAL B 295 -4.90 4.60 18.33
N THR B 296 -5.33 3.43 18.81
CA THR B 296 -5.07 2.92 20.18
C THR B 296 -3.59 2.51 20.30
N ALA B 297 -3.00 1.92 19.25
CA ALA B 297 -1.69 1.23 19.32
C ALA B 297 -0.62 1.82 18.40
N MET B 298 -0.94 2.71 17.43
CA MET B 298 0.09 3.22 16.46
C MET B 298 0.16 4.74 16.47
N ASN B 299 -0.47 5.39 17.45
CA ASN B 299 -0.36 6.87 17.65
C ASN B 299 -0.73 7.60 16.34
N TYR B 300 -1.68 7.06 15.57
CA TYR B 300 -2.26 7.73 14.38
C TYR B 300 -3.69 8.17 14.74
N THR B 301 -3.85 9.43 15.14
CA THR B 301 -5.09 9.96 15.74
C THR B 301 -6.01 10.57 14.67
N ASN B 302 -5.53 10.68 13.42
CA ASN B 302 -6.17 11.40 12.27
C ASN B 302 -7.11 10.46 11.49
N VAL B 303 -7.85 9.61 12.19
CA VAL B 303 -8.79 8.64 11.60
C VAL B 303 -10.21 9.21 11.70
N LEU B 304 -10.97 9.14 10.59
CA LEU B 304 -12.36 9.70 10.43
C LEU B 304 -13.23 8.61 9.85
N TRP B 305 -14.39 8.36 10.44
CA TRP B 305 -15.34 7.39 9.83
C TRP B 305 -16.10 8.07 8.67
N GLY B 306 -16.61 7.27 7.75
CA GLY B 306 -17.35 7.68 6.54
C GLY B 306 -18.33 6.60 6.15
N SER B 307 -19.56 6.97 5.76
CA SER B 307 -20.61 6.01 5.32
C SER B 307 -20.22 5.48 3.95
N ASP B 308 -19.49 6.29 3.19
CA ASP B 308 -19.40 6.27 1.70
C ASP B 308 -20.82 6.07 1.13
N TYR B 309 -21.77 6.81 1.69
CA TYR B 309 -23.18 6.85 1.22
C TYR B 309 -23.15 7.32 -0.23
N PRO B 310 -23.69 6.58 -1.22
CA PRO B 310 -24.37 5.30 -1.04
C PRO B 310 -23.77 4.09 -1.74
N HIS B 311 -22.44 4.02 -1.85
CA HIS B 311 -21.76 2.94 -2.60
C HIS B 311 -21.95 1.63 -1.81
N LEU B 312 -21.76 0.48 -2.46
CA LEU B 312 -21.86 -0.85 -1.84
C LEU B 312 -20.82 -0.98 -0.72
N GLU B 313 -19.63 -0.41 -0.96
CA GLU B 313 -18.47 -0.45 -0.04
C GLU B 313 -18.85 0.23 1.27
N GLY B 314 -19.88 1.06 1.23
CA GLY B 314 -20.30 1.89 2.38
C GLY B 314 -21.20 1.11 3.32
N THR B 315 -21.64 1.77 4.39
CA THR B 315 -22.38 1.14 5.54
C THR B 315 -23.90 1.10 5.28
N PHE B 316 -24.43 2.01 4.45
CA PHE B 316 -25.88 2.20 4.17
C PHE B 316 -26.47 0.92 3.60
N PRO B 317 -27.63 0.43 4.11
CA PRO B 317 -28.41 1.09 5.16
C PRO B 317 -28.16 0.67 6.62
N ARG B 318 -27.09 -0.10 6.88
CA ARG B 318 -26.79 -0.74 8.18
C ARG B 318 -25.80 0.10 9.02
N THR B 319 -25.80 1.43 8.91
CA THR B 319 -24.78 2.27 9.59
C THR B 319 -24.72 1.95 11.09
N GLN B 320 -25.85 1.80 11.76
CA GLN B 320 -25.93 1.70 13.25
C GLN B 320 -25.39 0.34 13.69
N GLU B 321 -25.78 -0.74 12.99
CA GLU B 321 -25.36 -2.14 13.26
C GLU B 321 -23.82 -2.22 13.16
N VAL B 322 -23.24 -1.51 12.18
CA VAL B 322 -21.79 -1.54 11.84
C VAL B 322 -20.98 -0.79 12.89
N VAL B 323 -21.29 0.47 13.18
CA VAL B 323 -20.49 1.31 14.12
C VAL B 323 -20.62 0.75 15.53
N THR B 324 -21.75 0.15 15.85
CA THR B 324 -22.07 -0.41 17.18
C THR B 324 -21.15 -1.60 17.45
N GLU B 325 -20.91 -2.48 16.47
CA GLU B 325 -19.97 -3.63 16.61
C GLU B 325 -18.51 -3.15 16.58
N LEU B 326 -18.17 -2.13 15.79
CA LEU B 326 -16.79 -1.61 15.72
C LEU B 326 -16.35 -1.09 17.08
N PHE B 327 -17.24 -0.36 17.76
CA PHE B 327 -16.93 0.43 18.97
C PHE B 327 -17.46 -0.24 20.23
N ALA B 328 -18.04 -1.42 20.07
CA ALA B 328 -18.36 -2.37 21.17
C ALA B 328 -17.08 -2.63 21.97
N GLY B 329 -17.00 -2.07 23.18
CA GLY B 329 -15.93 -2.30 24.16
C GLY B 329 -14.81 -1.29 23.99
N VAL B 330 -14.98 -0.33 23.07
CA VAL B 330 -13.91 0.65 22.73
C VAL B 330 -14.11 1.92 23.55
N ASP B 331 -13.00 2.46 24.04
CA ASP B 331 -12.96 3.70 24.84
C ASP B 331 -13.86 4.74 24.19
N PRO B 332 -14.90 5.22 24.91
CA PRO B 332 -15.72 6.33 24.42
C PRO B 332 -14.96 7.54 23.83
N GLU B 333 -13.79 7.89 24.35
CA GLU B 333 -13.09 9.10 23.82
C GLU B 333 -12.58 8.83 22.39
N VAL B 334 -12.32 7.57 22.03
CA VAL B 334 -11.73 7.16 20.73
C VAL B 334 -12.87 7.02 19.72
N ARG B 335 -14.00 6.48 20.17
CA ARG B 335 -15.24 6.39 19.35
C ARG B 335 -15.62 7.81 18.93
N ASP B 336 -15.46 8.79 19.82
CA ASP B 336 -15.82 10.22 19.63
C ASP B 336 -14.83 10.88 18.65
N LEU B 337 -13.53 10.57 18.79
CA LEU B 337 -12.46 11.15 17.92
C LEU B 337 -12.72 10.71 16.47
N ILE B 338 -12.98 9.41 16.30
CA ILE B 338 -13.04 8.73 14.97
C ILE B 338 -14.36 9.12 14.30
N THR B 339 -15.46 9.15 15.06
CA THR B 339 -16.83 9.31 14.53
C THR B 339 -17.28 10.78 14.55
N ARG B 340 -16.72 11.66 15.38
CA ARG B 340 -17.26 13.04 15.55
C ARG B 340 -16.16 14.11 15.47
N ARG B 341 -15.18 14.08 16.38
CA ARG B 341 -14.30 15.25 16.64
C ARG B 341 -13.28 15.49 15.49
N ASN B 342 -12.83 14.44 14.80
CA ASN B 342 -11.79 14.62 13.75
C ASN B 342 -12.45 15.40 12.61
N PHE B 343 -13.68 15.00 12.27
CA PHE B 343 -14.59 15.71 11.33
C PHE B 343 -14.68 17.20 11.63
N THR B 344 -15.01 17.58 12.88
CA THR B 344 -15.32 18.99 13.26
C THR B 344 -14.03 19.82 13.33
N ASP B 345 -12.87 19.15 13.25
CA ASP B 345 -11.54 19.82 13.17
C ASP B 345 -11.33 20.25 11.72
N LEU B 346 -11.72 19.38 10.78
CA LEU B 346 -11.52 19.58 9.31
C LEU B 346 -12.63 20.48 8.75
N PHE B 347 -13.88 20.20 9.12
CA PHE B 347 -15.10 20.78 8.51
C PHE B 347 -15.94 21.49 9.59
N THR B 348 -16.60 22.59 9.21
CA THR B 348 -17.52 23.36 10.07
C THR B 348 -18.95 22.98 9.70
N VAL B 349 -19.69 22.48 10.67
CA VAL B 349 -21.16 22.27 10.61
C VAL B 349 -21.74 22.71 11.96
N PRO B 350 -23.07 22.84 12.11
CA PRO B 350 -23.64 23.16 13.42
C PRO B 350 -23.29 22.08 14.45
N ALA B 351 -22.81 22.48 15.62
CA ALA B 351 -22.33 21.55 16.68
C ALA B 351 -23.55 20.92 17.37
N LEU B 352 -23.72 19.59 17.27
CA LEU B 352 -24.53 18.80 18.24
C LEU B 352 -23.97 19.15 19.62
N PRO B 353 -24.75 19.11 20.72
CA PRO B 353 -24.13 19.03 22.04
C PRO B 353 -23.42 17.67 22.15
N ALA B 354 -22.15 17.66 22.60
CA ALA B 354 -21.34 16.46 22.93
C ALA B 354 -21.80 15.93 24.30
N THR B 355 -22.75 16.64 24.91
CA THR B 355 -23.38 16.36 26.23
C THR B 355 -24.41 15.22 26.07
N VAL B 356 -25.32 15.32 25.08
CA VAL B 356 -26.39 14.31 24.78
C VAL B 356 -25.70 12.95 24.56
C ACT C . 24.15 -10.08 11.00
O ACT C . 22.95 -10.33 10.74
OXT ACT C . 24.55 -9.21 11.79
CH3 ACT C . 25.23 -10.89 10.27
C ACT D . 15.11 -20.25 19.08
O ACT D . 14.49 -21.11 19.76
OXT ACT D . 15.01 -19.01 19.28
CH3 ACT D . 16.08 -20.77 18.01
C ACT E . 21.18 -26.63 3.56
O ACT E . 21.97 -27.58 3.43
OXT ACT E . 21.06 -25.96 4.61
CH3 ACT E . 20.31 -26.26 2.36
MN MN F . 16.23 -7.99 2.71
MN MN G . 17.28 -4.63 1.84
MN MN H . 38.06 0.53 -12.81
C ACT I . -20.78 17.57 16.08
O ACT I . -20.72 16.36 15.73
OXT ACT I . -20.90 17.93 17.26
CH3 ACT I . -20.71 18.66 15.01
C10 MYM J . -12.53 -1.02 -7.86
C13 MYM J . -16.41 -3.51 -9.33
C15 MYM J . -14.24 -5.45 -11.03
C17 MYM J . -14.11 -7.48 -12.64
C20 MYM J . -14.77 -8.02 -13.95
C21 MYM J . -13.36 3.42 -5.36
C22 MYM J . -15.32 1.94 -5.35
C24 MYM J . -17.21 2.28 -7.00
C26 MYM J . -15.91 1.95 -9.13
C28 MYM J . -18.39 3.80 -9.45
O04 MYM J . -14.86 -10.37 -15.75
P01 MYM J . -13.58 -9.35 -15.94
O05 MYM J . -12.31 -10.13 -15.29
O06 MYM J . -13.36 -9.02 -17.38
O03 MYM J . -13.84 -8.01 -15.02
C18 MYM J . -14.86 -8.17 -11.48
C19 MYM J . -12.61 -7.86 -12.49
C16 MYM J . -14.23 -5.90 -12.52
O02 MYM J . -15.38 -5.35 -13.22
O07 MYM J . -13.19 -5.33 -10.41
N02 MYM J . -15.46 -5.26 -10.51
C14 MYM J . -15.71 -4.84 -9.14
C12 MYM J . -15.33 -2.46 -9.76
O08 MYM J . -15.33 -2.01 -10.92
N01 MYM J . -14.42 -2.10 -8.84
C11 MYM J . -13.42 -1.07 -9.09
S01 MYM J . -13.46 -0.16 -6.49
C09 MYM J . -13.38 1.61 -7.03
O09 MYM J . -12.65 2.01 -7.93
C08 MYM J . -14.28 2.62 -6.28
C07 MYM J . -15.08 3.63 -7.25
C06 MYM J . -14.20 4.46 -8.20
C05 MYM J . -14.99 5.69 -8.72
O01 MYM J . -14.14 6.49 -9.59
C23 MYM J . -16.43 1.26 -6.18
C25 MYM J . -16.31 2.98 -8.04
C27 MYM J . -17.16 4.23 -8.65
C29 MYM J . -18.47 4.84 -10.59
C30 MYM J . -17.36 4.57 -11.61
C31 MYM J . -16.00 4.79 -10.95
C04 MYM J . -16.29 5.29 -9.48
C03 MYM J . -17.10 6.58 -9.67
C02 MYM J . -18.36 6.15 -10.05
C01 MYM J . -19.48 6.94 -9.76
MN MN K . -16.28 7.84 -1.16
MN MN L . -16.95 4.07 -2.92
#